data_3C2H
#
_entry.id   3C2H
#
_cell.length_a   203.500
_cell.length_b   95.048
_cell.length_c   149.390
_cell.angle_alpha   90.000
_cell.angle_beta   124.710
_cell.angle_gamma   90.000
#
_symmetry.space_group_name_H-M   'C 1 2 1'
#
loop_
_entity.id
_entity.type
_entity.pdbx_description
1 polymer 'Sys-1 protein'
2 non-polymer 'CITRATE ANION'
3 non-polymer GLYCEROL
4 water water
#
_entity_poly.entity_id   1
_entity_poly.type   'polypeptide(L)'
_entity_poly.pdbx_seq_one_letter_code
;MNITQAAEQAIRLWFNTPDPMQRLHMAKTIRTWIRQDKFAQVDQANMPNCVQQILNIIYDGLKPQPVQLPISYYAQLWYN
LLDILRRFTFLPIISPYIHQVVQMFCPRENGPQDFRELICNLISLNWQKDPHMKHCANQVFQIFNCIIMGVKNEKLRTEF
AQHLKFEKLVGTLSEYFNPQVHPGMINPAIFIIFRFIISKDTRLKDYFIWNNNPHDQPPPPTGLIIKLNAVMIGSYRLIA
GQNPETLPQNPELAHLIQVIIRTFDLLGLLLHDSDAIDGFVRSDGVGAITTVVQYPNNDLIRAGCKLLLQVSDAKALAKT
PLENILPFLLRLIEIHPDDEVIYSGTGFLSNVVAHKQHVKDIAIRSNAIFLLHTIISKYPRLDELTDAPKRNRVCEIICN
CLRTLNNFLMMWIPTPNGETKTAGPNEKQQVCKFIEIDILKKLMSCLSCEGMDTPGLLELRSTILRSFILLLRTPFVPKD
GVLNVIDENRKENLIGHICAAYSWVFRQPNNTRTQSTKQQLVERTISLLLVLMEQCGAEKEVAQYSYSIDCPLNLLNGNQ
VKPTFIHNVLVVCDKILEHCPTRADIWTIDRPMLEGLTNHRNSDIAKAANSLLSRFPEN
;
_entity_poly.pdbx_strand_id   A,B
#
# COMPACT_ATOMS: atom_id res chain seq x y z
N MET A 1 6.71 51.46 -14.51
CA MET A 1 6.33 50.72 -13.27
C MET A 1 7.47 50.67 -12.27
N ASN A 2 7.19 51.11 -11.03
CA ASN A 2 8.13 51.00 -9.92
C ASN A 2 7.93 49.70 -9.14
N ILE A 3 8.93 49.29 -8.35
CA ILE A 3 8.91 48.01 -7.61
C ILE A 3 7.52 47.51 -7.21
N THR A 4 6.85 48.27 -6.35
CA THR A 4 5.54 47.90 -5.81
C THR A 4 4.52 47.73 -6.93
N GLN A 5 4.50 48.67 -7.87
CA GLN A 5 3.58 48.63 -9.01
C GLN A 5 3.90 47.47 -9.96
N ALA A 6 5.19 47.19 -10.10
CA ALA A 6 5.67 46.06 -10.91
C ALA A 6 5.14 44.74 -10.35
N ALA A 7 5.14 44.64 -9.02
CA ALA A 7 4.54 43.50 -8.32
C ALA A 7 3.02 43.45 -8.49
N GLU A 8 2.37 44.59 -8.26
CA GLU A 8 0.90 44.72 -8.37
C GLU A 8 0.39 44.18 -9.70
N GLN A 9 1.04 44.58 -10.79
CA GLN A 9 0.66 44.17 -12.13
C GLN A 9 0.93 42.68 -12.37
N ALA A 10 2.07 42.23 -11.83
CA ALA A 10 2.52 40.83 -11.91
C ALA A 10 1.51 39.87 -11.28
N ILE A 11 1.07 40.21 -10.07
CA ILE A 11 0.01 39.49 -9.36
C ILE A 11 -1.31 39.52 -10.16
N ARG A 12 -1.67 40.71 -10.65
CA ARG A 12 -2.90 40.90 -11.41
C ARG A 12 -2.92 40.10 -12.72
N LEU A 13 -1.82 40.18 -13.48
CA LEU A 13 -1.73 39.54 -14.80
C LEU A 13 -1.51 38.03 -14.76
N TRP A 14 -0.88 37.54 -13.68
CA TRP A 14 -0.38 36.16 -13.61
C TRP A 14 -1.34 35.10 -14.20
N PHE A 15 -2.58 35.10 -13.74
CA PHE A 15 -3.51 34.01 -14.05
C PHE A 15 -4.22 34.12 -15.40
N ASN A 16 -3.94 35.20 -16.13
CA ASN A 16 -4.39 35.35 -17.52
C ASN A 16 -3.24 35.39 -18.53
N THR A 17 -2.00 35.50 -18.03
CA THR A 17 -0.79 35.49 -18.86
C THR A 17 -0.17 34.09 -18.93
N PRO A 18 -0.50 33.30 -19.98
CA PRO A 18 0.06 31.95 -20.04
C PRO A 18 1.46 31.90 -20.65
N ASP A 19 2.04 33.06 -20.95
CA ASP A 19 3.36 33.14 -21.58
C ASP A 19 4.50 32.77 -20.61
N PRO A 20 5.20 31.65 -20.88
CA PRO A 20 6.32 31.16 -20.07
C PRO A 20 7.35 32.23 -19.71
N MET A 21 7.92 32.89 -20.71
CA MET A 21 9.00 33.84 -20.48
C MET A 21 8.53 35.09 -19.73
N GLN A 22 7.25 35.41 -19.84
CA GLN A 22 6.68 36.53 -19.11
C GLN A 22 6.50 36.17 -17.64
N ARG A 23 6.10 34.91 -17.40
CA ARG A 23 5.94 34.37 -16.04
C ARG A 23 7.23 34.44 -15.24
N LEU A 24 8.35 34.07 -15.87
CA LEU A 24 9.65 34.11 -15.22
C LEU A 24 10.06 35.53 -14.86
N HIS A 25 9.93 36.44 -15.84
CA HIS A 25 10.16 37.87 -15.64
C HIS A 25 9.29 38.32 -14.47
N MET A 26 8.02 37.94 -14.55
CA MET A 26 7.00 38.25 -13.55
C MET A 26 7.40 37.75 -12.15
N ALA A 27 7.83 36.49 -12.08
CA ALA A 27 8.27 35.86 -10.84
C ALA A 27 9.45 36.58 -10.20
N LYS A 28 10.46 36.89 -11.01
CA LYS A 28 11.65 37.62 -10.56
C LYS A 28 11.28 38.93 -9.86
N THR A 29 10.23 39.57 -10.37
CA THR A 29 9.79 40.87 -9.90
C THR A 29 9.12 40.79 -8.53
N ILE A 30 8.19 39.85 -8.37
CA ILE A 30 7.51 39.63 -7.10
C ILE A 30 8.53 39.29 -6.01
N ARG A 31 9.56 38.52 -6.39
CA ARG A 31 10.64 38.16 -5.47
C ARG A 31 11.40 39.38 -4.97
N THR A 32 11.94 40.16 -5.90
CA THR A 32 12.70 41.37 -5.56
C THR A 32 11.88 42.37 -4.74
N TRP A 33 10.59 42.45 -5.05
CA TRP A 33 9.62 43.21 -4.25
C TRP A 33 9.65 42.79 -2.78
N ILE A 34 9.53 41.48 -2.53
CA ILE A 34 9.63 40.92 -1.18
C ILE A 34 11.01 41.17 -0.59
N ARG A 35 12.04 40.87 -1.38
CA ARG A 35 13.44 40.97 -0.98
C ARG A 35 13.76 42.31 -0.32
N GLN A 36 13.24 43.39 -0.90
CA GLN A 36 13.49 44.76 -0.46
C GLN A 36 12.44 45.22 0.56
N ASP A 37 11.18 45.20 0.12
CA ASP A 37 10.04 45.77 0.85
C ASP A 37 9.79 45.14 2.22
N LYS A 38 10.03 43.83 2.32
CA LYS A 38 9.64 43.04 3.49
C LYS A 38 8.19 43.32 3.92
N PHE A 39 7.32 43.41 2.91
CA PHE A 39 5.85 43.52 3.05
C PHE A 39 5.25 44.76 3.72
N ALA A 40 6.11 45.61 4.30
CA ALA A 40 5.67 46.71 5.19
C ALA A 40 4.73 47.78 4.61
N GLN A 41 4.44 47.71 3.31
CA GLN A 41 3.56 48.69 2.65
C GLN A 41 2.11 48.24 2.53
N VAL A 42 1.90 46.93 2.52
CA VAL A 42 0.57 46.33 2.39
C VAL A 42 -0.22 46.51 3.69
N ASP A 43 -1.51 46.82 3.56
CA ASP A 43 -2.38 47.04 4.70
C ASP A 43 -2.50 45.77 5.52
N GLN A 44 -2.39 45.92 6.84
CA GLN A 44 -2.38 44.80 7.77
C GLN A 44 -3.56 43.83 7.60
N ALA A 45 -4.77 44.36 7.46
CA ALA A 45 -5.96 43.52 7.31
C ALA A 45 -6.11 42.88 5.90
N ASN A 46 -5.30 43.31 4.95
CA ASN A 46 -5.28 42.72 3.61
C ASN A 46 -4.22 41.63 3.48
N MET A 47 -3.31 41.57 4.45
CA MET A 47 -2.23 40.58 4.51
C MET A 47 -2.62 39.12 4.24
N PRO A 48 -3.71 38.62 4.86
CA PRO A 48 -4.11 37.23 4.57
C PRO A 48 -4.31 36.97 3.08
N ASN A 49 -4.97 37.92 2.41
CA ASN A 49 -5.26 37.86 0.98
C ASN A 49 -4.03 38.07 0.11
N CYS A 50 -3.15 38.98 0.55
CA CYS A 50 -1.92 39.30 -0.17
C CYS A 50 -0.93 38.12 -0.15
N VAL A 51 -0.81 37.49 1.01
CA VAL A 51 -0.05 36.26 1.15
C VAL A 51 -0.68 35.13 0.31
N GLN A 52 -2.00 34.97 0.39
CA GLN A 52 -2.67 33.88 -0.33
C GLN A 52 -2.56 33.99 -1.84
N GLN A 53 -2.50 35.22 -2.35
CA GLN A 53 -2.32 35.46 -3.77
C GLN A 53 -0.95 34.96 -4.22
N ILE A 54 0.08 35.37 -3.48
CA ILE A 54 1.46 34.99 -3.74
C ILE A 54 1.59 33.47 -3.76
N LEU A 55 1.07 32.84 -2.70
CA LEU A 55 1.14 31.39 -2.53
C LEU A 55 0.49 30.66 -3.67
N ASN A 56 -0.59 31.22 -4.20
CA ASN A 56 -1.29 30.62 -5.33
C ASN A 56 -0.50 30.76 -6.63
N ILE A 57 0.27 31.85 -6.73
CA ILE A 57 1.16 32.02 -7.87
C ILE A 57 2.30 31.00 -7.77
N ILE A 58 2.92 30.92 -6.58
CA ILE A 58 3.94 29.92 -6.30
C ILE A 58 3.41 28.54 -6.72
N TYR A 59 2.28 28.14 -6.15
CA TYR A 59 1.70 26.85 -6.47
C TYR A 59 1.47 26.71 -7.97
N ASP A 60 0.90 27.72 -8.62
CA ASP A 60 0.64 27.69 -10.07
C ASP A 60 1.94 27.63 -10.89
N GLY A 61 2.94 28.38 -10.45
CA GLY A 61 4.25 28.40 -11.08
C GLY A 61 4.98 27.06 -11.08
N LEU A 62 4.72 26.24 -10.06
CA LEU A 62 5.38 24.93 -9.91
C LEU A 62 4.74 23.85 -10.76
N LYS A 63 3.53 24.12 -11.25
CA LYS A 63 2.84 23.21 -12.15
C LYS A 63 3.54 23.09 -13.50
N PRO A 64 3.49 21.87 -14.10
CA PRO A 64 4.05 21.64 -15.45
C PRO A 64 3.21 22.34 -16.52
N GLN A 65 3.86 23.25 -17.25
CA GLN A 65 3.20 23.99 -18.33
C GLN A 65 3.00 23.09 -19.55
N PRO A 66 1.90 23.32 -20.32
CA PRO A 66 1.51 22.44 -21.44
C PRO A 66 2.56 22.32 -22.55
N VAL A 67 3.24 23.43 -22.84
CA VAL A 67 4.31 23.45 -23.84
C VAL A 67 5.58 22.72 -23.38
N GLN A 68 6.33 22.19 -24.34
CA GLN A 68 7.62 21.53 -24.06
C GLN A 68 8.70 22.58 -23.78
N LEU A 69 9.23 22.54 -22.56
CA LEU A 69 10.17 23.56 -22.07
C LEU A 69 11.48 22.96 -21.53
N PRO A 70 12.59 23.73 -21.60
CA PRO A 70 13.88 23.23 -21.10
C PRO A 70 13.97 23.23 -19.57
N ILE A 71 14.53 22.15 -19.01
CA ILE A 71 14.79 22.02 -17.57
C ILE A 71 15.40 23.30 -16.99
N SER A 72 16.27 23.93 -17.76
CA SER A 72 16.94 25.18 -17.40
C SER A 72 15.96 26.31 -17.07
N TYR A 73 14.81 26.31 -17.74
CA TYR A 73 13.83 27.38 -17.52
C TYR A 73 13.10 27.20 -16.19
N TYR A 74 12.57 25.99 -15.97
CA TYR A 74 11.85 25.66 -14.74
C TYR A 74 12.71 25.92 -13.51
N ALA A 75 13.96 25.47 -13.57
CA ALA A 75 14.93 25.68 -12.52
C ALA A 75 15.06 27.13 -12.11
N GLN A 76 14.98 28.04 -13.07
CA GLN A 76 15.13 29.45 -12.80
C GLN A 76 13.84 30.05 -12.23
N LEU A 77 12.71 29.60 -12.79
CA LEU A 77 11.40 30.04 -12.35
C LEU A 77 11.21 29.58 -10.90
N TRP A 78 11.30 28.26 -10.72
CA TRP A 78 11.17 27.62 -9.42
C TRP A 78 12.13 28.18 -8.36
N TYR A 79 13.36 28.51 -8.74
CA TYR A 79 14.29 29.04 -7.76
C TYR A 79 13.77 30.33 -7.15
N ASN A 80 13.21 31.20 -8.00
CA ASN A 80 12.66 32.47 -7.54
C ASN A 80 11.45 32.27 -6.64
N LEU A 81 10.55 31.40 -7.09
CA LEU A 81 9.31 31.10 -6.38
C LEU A 81 9.55 30.35 -5.06
N LEU A 82 10.51 29.42 -5.06
CA LEU A 82 10.81 28.68 -3.85
C LEU A 82 11.54 29.57 -2.88
N ASP A 83 12.21 30.60 -3.39
CA ASP A 83 12.92 31.53 -2.53
C ASP A 83 11.96 32.42 -1.78
N ILE A 84 10.86 32.81 -2.45
CA ILE A 84 9.78 33.56 -1.84
C ILE A 84 9.17 32.69 -0.75
N LEU A 85 8.83 31.46 -1.11
CA LEU A 85 8.26 30.50 -0.17
C LEU A 85 9.16 30.37 1.06
N ARG A 86 10.44 30.14 0.84
CA ARG A 86 11.39 30.01 1.95
C ARG A 86 11.30 31.22 2.86
N ARG A 87 11.33 32.41 2.27
CA ARG A 87 11.26 33.64 3.04
C ARG A 87 9.94 33.77 3.82
N PHE A 88 8.84 33.29 3.22
CA PHE A 88 7.54 33.24 3.90
C PHE A 88 7.57 32.34 5.15
N THR A 89 8.66 31.61 5.34
CA THR A 89 8.75 30.68 6.48
C THR A 89 9.75 31.10 7.58
N PHE A 90 10.40 32.25 7.44
CA PHE A 90 11.28 32.74 8.50
C PHE A 90 11.11 34.23 8.77
N LEU A 91 10.36 34.90 7.89
CA LEU A 91 10.19 36.35 7.93
C LEU A 91 9.22 36.75 9.05
N PRO A 92 9.73 37.44 10.11
CA PRO A 92 8.89 37.81 11.26
C PRO A 92 7.51 38.34 10.87
N ILE A 93 7.46 39.21 9.85
CA ILE A 93 6.21 39.84 9.42
C ILE A 93 5.15 38.84 8.94
N ILE A 94 5.59 37.73 8.37
CA ILE A 94 4.66 36.75 7.77
C ILE A 94 4.12 35.71 8.77
N SER A 95 4.81 35.54 9.90
CA SER A 95 4.50 34.43 10.84
C SER A 95 3.04 34.29 11.35
N PRO A 96 2.31 35.41 11.56
CA PRO A 96 0.86 35.26 11.82
C PRO A 96 0.08 34.53 10.72
N TYR A 97 0.65 34.44 9.52
CA TYR A 97 -0.05 33.88 8.37
C TYR A 97 0.56 32.54 7.95
N ILE A 98 1.46 32.03 8.77
CA ILE A 98 2.20 30.79 8.49
C ILE A 98 1.29 29.58 8.26
N HIS A 99 0.15 29.55 8.94
CA HIS A 99 -0.82 28.47 8.79
C HIS A 99 -1.33 28.41 7.35
N GLN A 100 -1.27 29.54 6.65
CA GLN A 100 -1.59 29.59 5.22
C GLN A 100 -0.57 28.82 4.39
N VAL A 101 0.70 28.88 4.79
CA VAL A 101 1.74 28.08 4.15
C VAL A 101 1.47 26.60 4.40
N VAL A 102 1.24 26.24 5.67
CA VAL A 102 0.94 24.86 6.04
C VAL A 102 -0.28 24.31 5.26
N GLN A 103 -1.38 25.08 5.24
CA GLN A 103 -2.60 24.74 4.48
C GLN A 103 -2.36 24.34 3.02
N MET A 104 -1.37 24.97 2.38
CA MET A 104 -1.02 24.65 0.99
C MET A 104 -0.60 23.19 0.80
N PHE A 105 0.02 22.62 1.84
CA PHE A 105 0.49 21.23 1.77
C PHE A 105 -0.64 20.21 1.84
N CYS A 106 -1.77 20.63 2.42
CA CYS A 106 -2.96 19.81 2.53
C CYS A 106 -3.49 19.37 1.17
N PRO A 107 -3.62 18.05 0.95
CA PRO A 107 -3.99 17.54 -0.38
C PRO A 107 -5.41 17.87 -0.78
N ARG A 108 -5.70 17.82 -2.09
CA ARG A 108 -7.03 18.08 -2.61
C ARG A 108 -7.42 17.02 -3.67
N GLU A 109 -6.49 16.68 -4.54
CA GLU A 109 -6.74 15.77 -5.65
C GLU A 109 -6.17 14.35 -5.44
N ASN A 110 -5.30 14.20 -4.45
CA ASN A 110 -4.57 12.94 -4.19
C ASN A 110 -3.81 12.40 -5.42
N GLY A 111 -3.06 13.29 -6.07
CA GLY A 111 -2.28 12.94 -7.26
C GLY A 111 -1.10 13.87 -7.48
N PRO A 112 -0.34 13.67 -8.58
CA PRO A 112 0.84 14.50 -8.88
C PRO A 112 0.54 15.96 -9.23
N GLN A 113 -0.62 16.47 -8.77
CA GLN A 113 -1.02 17.84 -9.04
C GLN A 113 -1.08 18.65 -7.76
N ASP A 114 -1.20 17.96 -6.64
CA ASP A 114 -1.19 18.58 -5.32
C ASP A 114 0.13 19.31 -5.08
N PHE A 115 0.06 20.39 -4.32
CA PHE A 115 1.24 21.17 -3.93
C PHE A 115 2.33 20.28 -3.34
N ARG A 116 1.97 19.44 -2.37
CA ARG A 116 2.92 18.63 -1.64
C ARG A 116 3.70 17.67 -2.54
N GLU A 117 3.04 17.09 -3.55
CA GLU A 117 3.72 16.18 -4.48
C GLU A 117 4.60 16.91 -5.48
N LEU A 118 4.34 18.20 -5.69
CA LEU A 118 5.23 19.02 -6.51
C LEU A 118 6.47 19.39 -5.70
N ILE A 119 6.26 19.83 -4.46
CA ILE A 119 7.34 20.04 -3.50
C ILE A 119 8.16 18.75 -3.33
N CYS A 120 7.48 17.63 -3.14
CA CYS A 120 8.13 16.35 -2.91
C CYS A 120 9.01 15.95 -4.09
N ASN A 121 8.53 16.16 -5.30
CA ASN A 121 9.29 15.74 -6.46
C ASN A 121 10.59 16.51 -6.64
N LEU A 122 10.63 17.73 -6.10
CA LEU A 122 11.81 18.58 -6.21
C LEU A 122 13.01 18.08 -5.40
N ILE A 123 12.75 17.24 -4.39
CA ILE A 123 13.84 16.69 -3.59
C ILE A 123 14.15 15.23 -3.92
N SER A 124 13.52 14.73 -4.97
CA SER A 124 13.95 13.46 -5.56
C SER A 124 15.46 13.50 -5.80
N LEU A 125 16.12 12.37 -5.56
CA LEU A 125 17.58 12.26 -5.62
C LEU A 125 18.16 12.63 -6.98
N ASN A 126 17.51 12.20 -8.06
CA ASN A 126 18.03 12.43 -9.42
C ASN A 126 18.21 13.90 -9.76
N TRP A 127 17.48 14.76 -9.06
CA TRP A 127 17.65 16.21 -9.18
C TRP A 127 18.97 16.72 -8.61
N GLN A 128 19.59 15.95 -7.73
CA GLN A 128 20.90 16.32 -7.17
C GLN A 128 22.01 16.10 -8.20
N LYS A 129 21.72 15.29 -9.20
CA LYS A 129 22.64 15.05 -10.32
C LYS A 129 22.54 16.13 -11.40
N ASP A 130 21.49 16.95 -11.31
CA ASP A 130 21.20 17.97 -12.30
C ASP A 130 21.86 19.30 -11.92
N PRO A 131 22.59 19.91 -12.86
CA PRO A 131 23.37 21.13 -12.57
C PRO A 131 22.52 22.35 -12.23
N HIS A 132 21.28 22.38 -12.72
CA HIS A 132 20.40 23.51 -12.47
C HIS A 132 19.43 23.21 -11.32
N MET A 133 18.83 22.03 -11.36
CA MET A 133 17.76 21.68 -10.44
C MET A 133 18.20 21.35 -9.02
N LYS A 134 19.47 21.06 -8.81
CA LYS A 134 19.96 20.74 -7.47
C LYS A 134 19.79 21.92 -6.51
N HIS A 135 19.75 23.13 -7.05
CA HIS A 135 19.57 24.31 -6.21
C HIS A 135 18.14 24.50 -5.70
N CYS A 136 17.18 23.98 -6.46
CA CYS A 136 15.79 24.00 -6.04
C CYS A 136 15.55 23.01 -4.91
N ALA A 137 16.15 21.84 -5.05
CA ALA A 137 16.21 20.82 -4.00
C ALA A 137 16.71 21.44 -2.68
N ASN A 138 17.88 22.07 -2.71
CA ASN A 138 18.47 22.61 -1.48
C ASN A 138 17.58 23.67 -0.84
N GLN A 139 16.75 24.29 -1.66
CA GLN A 139 15.83 25.28 -1.16
C GLN A 139 14.61 24.66 -0.51
N VAL A 140 14.08 23.60 -1.11
CA VAL A 140 12.97 22.85 -0.51
C VAL A 140 13.37 22.32 0.87
N PHE A 141 14.61 21.82 0.99
CA PHE A 141 15.13 21.33 2.27
C PHE A 141 15.21 22.43 3.29
N GLN A 142 15.56 23.64 2.88
CA GLN A 142 15.52 24.78 3.79
C GLN A 142 14.08 25.13 4.20
N ILE A 143 13.13 24.86 3.31
CA ILE A 143 11.74 25.18 3.58
C ILE A 143 11.19 24.25 4.65
N PHE A 144 11.39 22.95 4.46
CA PHE A 144 11.03 21.96 5.48
C PHE A 144 11.70 22.32 6.80
N ASN A 145 12.99 22.62 6.71
CA ASN A 145 13.78 22.95 7.88
C ASN A 145 13.29 24.23 8.56
N CYS A 146 12.65 25.10 7.80
CA CYS A 146 12.16 26.35 8.36
C CYS A 146 10.85 26.16 9.06
N ILE A 147 9.96 25.40 8.43
CA ILE A 147 8.68 25.07 9.03
C ILE A 147 8.88 24.25 10.29
N ILE A 148 9.59 23.12 10.14
CA ILE A 148 9.81 22.18 11.22
C ILE A 148 10.52 22.81 12.42
N MET A 149 11.60 23.53 12.18
CA MET A 149 12.30 24.19 13.29
C MET A 149 11.57 25.44 13.77
N GLY A 150 10.61 25.91 12.99
CA GLY A 150 10.05 27.25 13.20
C GLY A 150 8.73 27.36 13.93
N VAL A 151 7.71 26.64 13.47
CA VAL A 151 6.36 26.76 14.01
C VAL A 151 6.22 26.18 15.44
N LYS A 152 5.68 26.98 16.35
CA LYS A 152 5.56 26.59 17.77
C LYS A 152 4.15 26.13 18.13
N ASN A 153 3.14 26.57 17.36
CA ASN A 153 1.75 26.15 17.57
C ASN A 153 1.60 24.64 17.35
N GLU A 154 1.40 23.92 18.47
CA GLU A 154 1.40 22.45 18.47
C GLU A 154 0.34 21.81 17.59
N LYS A 155 -0.80 22.49 17.45
CA LYS A 155 -1.89 21.97 16.60
C LYS A 155 -1.52 22.09 15.12
N LEU A 156 -0.68 23.08 14.82
CA LEU A 156 -0.26 23.33 13.45
C LEU A 156 0.86 22.36 13.03
N ARG A 157 1.82 22.14 13.94
CA ARG A 157 2.81 21.08 13.81
C ARG A 157 2.16 19.74 13.49
N THR A 158 1.15 19.36 14.28
CA THR A 158 0.44 18.10 14.09
C THR A 158 -0.15 17.98 12.68
N GLU A 159 -0.78 19.05 12.21
CA GLU A 159 -1.37 19.08 10.86
C GLU A 159 -0.30 18.97 9.79
N PHE A 160 0.82 19.67 9.98
CA PHE A 160 1.89 19.62 8.98
C PHE A 160 2.39 18.18 8.85
N ALA A 161 2.67 17.56 9.99
CA ALA A 161 3.02 16.15 10.06
C ALA A 161 2.04 15.27 9.31
N GLN A 162 0.74 15.50 9.52
CA GLN A 162 -0.29 14.71 8.84
C GLN A 162 -0.21 14.87 7.32
N HIS A 163 -0.01 16.12 6.87
CA HIS A 163 0.07 16.40 5.44
C HIS A 163 1.25 15.70 4.78
N LEU A 164 2.34 15.53 5.52
CA LEU A 164 3.56 14.91 4.98
C LEU A 164 3.44 13.40 4.82
N LYS A 165 2.51 12.78 5.54
CA LYS A 165 2.44 11.32 5.55
C LYS A 165 1.71 10.73 4.33
N PHE A 166 2.45 10.62 3.22
CA PHE A 166 1.97 9.99 2.00
C PHE A 166 3.09 9.22 1.30
N GLU A 167 2.73 8.16 0.58
CA GLU A 167 3.70 7.22 0.00
C GLU A 167 4.88 7.86 -0.75
N LYS A 168 4.59 8.78 -1.68
CA LYS A 168 5.63 9.37 -2.54
C LYS A 168 6.72 10.12 -1.77
N LEU A 169 6.34 10.77 -0.66
CA LEU A 169 7.32 11.47 0.19
C LEU A 169 8.22 10.51 0.97
N VAL A 170 7.62 9.53 1.66
CA VAL A 170 8.43 8.57 2.43
C VAL A 170 9.35 7.76 1.50
N GLY A 171 8.82 7.44 0.31
CA GLY A 171 9.62 6.83 -0.74
C GLY A 171 10.78 7.71 -1.13
N THR A 172 10.49 8.99 -1.39
CA THR A 172 11.51 9.95 -1.83
C THR A 172 12.66 10.08 -0.83
N LEU A 173 12.30 10.22 0.45
CA LEU A 173 13.29 10.35 1.54
C LEU A 173 14.18 9.11 1.67
N SER A 174 13.56 7.93 1.68
CA SER A 174 14.30 6.66 1.83
C SER A 174 15.33 6.48 0.73
N GLU A 175 15.02 6.96 -0.47
CA GLU A 175 15.91 6.81 -1.61
C GLU A 175 17.31 7.40 -1.37
N TYR A 176 17.41 8.35 -0.44
CA TYR A 176 18.71 8.91 -0.04
C TYR A 176 19.55 7.93 0.77
N PHE A 177 18.91 6.90 1.30
CA PHE A 177 19.59 5.92 2.13
C PHE A 177 19.88 4.62 1.39
N ASN A 178 19.75 4.63 0.07
CA ASN A 178 20.07 3.45 -0.73
C ASN A 178 21.58 3.19 -0.81
N PRO A 179 21.98 1.91 -0.87
CA PRO A 179 23.39 1.55 -0.74
C PRO A 179 24.31 2.18 -1.80
N GLN A 180 23.78 2.44 -3.00
CA GLN A 180 24.61 2.97 -4.10
C GLN A 180 24.83 4.49 -4.04
N VAL A 181 24.10 5.19 -3.18
CA VAL A 181 24.26 6.63 -2.97
C VAL A 181 25.47 6.96 -2.09
N HIS A 182 26.33 7.85 -2.59
CA HIS A 182 27.44 8.42 -1.85
C HIS A 182 26.87 9.25 -0.70
N PRO A 183 27.39 9.04 0.53
CA PRO A 183 26.82 9.74 1.69
C PRO A 183 27.10 11.24 1.72
N GLY A 184 28.00 11.71 0.86
CA GLY A 184 28.18 13.15 0.64
C GLY A 184 26.88 13.79 0.11
N MET A 185 26.04 12.97 -0.51
CA MET A 185 24.78 13.44 -1.09
C MET A 185 23.63 13.62 -0.09
N ILE A 186 23.82 13.20 1.15
CA ILE A 186 22.74 13.24 2.13
C ILE A 186 22.58 14.62 2.76
N ASN A 187 21.60 15.37 2.31
CA ASN A 187 21.26 16.63 2.95
C ASN A 187 20.82 16.40 4.40
N PRO A 188 21.47 17.09 5.35
CA PRO A 188 21.18 17.05 6.78
C PRO A 188 19.72 17.27 7.14
N ALA A 189 18.97 17.95 6.28
CA ALA A 189 17.57 18.27 6.57
C ALA A 189 16.68 17.03 6.51
N ILE A 190 17.13 16.02 5.76
CA ILE A 190 16.45 14.73 5.67
C ILE A 190 16.30 14.09 7.05
N PHE A 191 17.31 14.24 7.88
CA PHE A 191 17.21 13.77 9.24
C PHE A 191 16.11 14.52 9.94
N ILE A 192 16.21 15.85 9.94
CA ILE A 192 15.18 16.73 10.53
C ILE A 192 13.76 16.34 10.15
N ILE A 193 13.57 16.00 8.88
CA ILE A 193 12.24 15.58 8.39
C ILE A 193 11.80 14.23 8.97
N PHE A 194 12.68 13.24 8.90
CA PHE A 194 12.41 11.92 9.49
C PHE A 194 12.08 11.99 10.98
N ARG A 195 12.84 12.76 11.74
CA ARG A 195 12.55 12.94 13.15
C ARG A 195 11.14 13.50 13.31
N PHE A 196 10.81 14.48 12.48
CA PHE A 196 9.52 15.15 12.56
C PHE A 196 8.33 14.23 12.28
N ILE A 197 8.37 13.47 11.19
CA ILE A 197 7.26 12.60 10.80
C ILE A 197 7.07 11.32 11.64
N ILE A 198 8.13 10.82 12.28
CA ILE A 198 8.01 9.61 13.12
C ILE A 198 7.70 9.97 14.57
N SER A 199 7.94 11.23 14.93
CA SER A 199 7.73 11.69 16.29
C SER A 199 6.34 11.28 16.73
N LYS A 200 6.30 10.39 17.72
CA LYS A 200 5.07 9.89 18.34
C LYS A 200 4.12 9.21 17.34
N ASP A 201 4.70 8.56 16.33
CA ASP A 201 3.94 7.73 15.39
C ASP A 201 4.57 6.35 15.30
N THR A 202 4.19 5.48 16.25
CA THR A 202 4.72 4.12 16.33
C THR A 202 4.56 3.35 15.03
N ARG A 203 3.40 3.49 14.38
CA ARG A 203 3.08 2.66 13.22
C ARG A 203 3.98 3.00 12.03
N LEU A 204 4.36 4.27 11.94
CA LEU A 204 5.24 4.72 10.87
C LEU A 204 6.65 4.19 11.10
N LYS A 205 7.06 4.23 12.36
CA LYS A 205 8.32 3.63 12.81
C LYS A 205 8.42 2.17 12.38
N ASP A 206 7.42 1.37 12.73
CA ASP A 206 7.37 -0.04 12.36
C ASP A 206 7.23 -0.22 10.85
N TYR A 207 6.75 0.79 10.15
CA TYR A 207 6.66 0.69 8.70
C TYR A 207 8.04 0.88 8.08
N PHE A 208 8.77 1.88 8.54
CA PHE A 208 10.13 2.13 8.08
C PHE A 208 11.07 0.95 8.33
N ILE A 209 10.93 0.35 9.51
CA ILE A 209 11.77 -0.77 9.94
C ILE A 209 11.38 -2.04 9.22
N TRP A 210 10.09 -2.40 9.31
CA TRP A 210 9.63 -3.73 8.96
C TRP A 210 9.04 -3.86 7.58
N ASN A 211 8.50 -2.76 7.06
CA ASN A 211 7.92 -2.74 5.71
C ASN A 211 6.78 -3.77 5.56
N ASN A 212 5.96 -3.87 6.60
CA ASN A 212 4.85 -4.86 6.68
C ASN A 212 5.29 -6.34 6.70
N ASN A 213 6.58 -6.57 6.93
CA ASN A 213 7.09 -7.93 7.16
C ASN A 213 6.87 -8.39 8.60
N PRO A 214 7.07 -9.69 8.88
CA PRO A 214 6.99 -10.18 10.27
C PRO A 214 8.19 -9.77 11.11
N HIS A 215 7.93 -9.38 12.36
CA HIS A 215 8.94 -8.84 13.27
C HIS A 215 9.96 -9.88 13.77
N ASP A 216 9.81 -11.13 13.36
CA ASP A 216 10.72 -12.20 13.77
C ASP A 216 11.63 -12.67 12.64
N GLN A 217 11.35 -12.20 11.42
CA GLN A 217 12.21 -12.45 10.27
C GLN A 217 13.39 -11.48 10.32
N PRO A 218 14.35 -11.59 9.37
CA PRO A 218 15.34 -10.53 9.24
C PRO A 218 14.63 -9.25 8.86
N PRO A 219 15.03 -8.10 9.45
CA PRO A 219 14.47 -6.85 8.95
C PRO A 219 14.83 -6.70 7.47
N PRO A 220 13.86 -6.29 6.63
CA PRO A 220 14.03 -6.31 5.17
C PRO A 220 15.03 -5.28 4.66
N PRO A 221 15.78 -5.63 3.60
CA PRO A 221 16.74 -4.74 2.95
C PRO A 221 16.11 -3.43 2.48
N THR A 222 14.82 -3.43 2.23
CA THR A 222 14.09 -2.20 1.89
C THR A 222 13.83 -1.30 3.10
N GLY A 223 13.91 -1.87 4.30
CA GLY A 223 13.68 -1.10 5.52
C GLY A 223 14.88 -0.30 5.97
N LEU A 224 14.67 0.55 6.98
CA LEU A 224 15.70 1.47 7.45
C LEU A 224 16.85 0.84 8.27
N ILE A 225 16.62 -0.27 8.94
CA ILE A 225 17.67 -0.87 9.76
C ILE A 225 18.87 -1.26 8.90
N ILE A 226 18.60 -1.91 7.78
CA ILE A 226 19.65 -2.30 6.86
C ILE A 226 20.20 -1.08 6.15
N LYS A 227 19.33 -0.15 5.80
CA LYS A 227 19.73 1.04 5.09
C LYS A 227 20.62 1.95 5.94
N LEU A 228 20.18 2.27 7.15
CA LEU A 228 20.96 3.13 8.05
C LEU A 228 22.32 2.53 8.45
N ASN A 229 22.38 1.21 8.69
CA ASN A 229 23.66 0.57 9.01
C ASN A 229 24.67 0.63 7.89
N ALA A 230 24.19 0.56 6.65
CA ALA A 230 25.10 0.65 5.51
C ALA A 230 25.52 2.10 5.26
N VAL A 231 24.69 3.06 5.64
CA VAL A 231 25.06 4.48 5.67
C VAL A 231 26.14 4.83 6.74
N MET A 232 25.95 4.39 7.99
CA MET A 232 26.99 4.46 9.02
C MET A 232 28.32 3.90 8.50
N ILE A 233 28.28 2.69 7.95
CA ILE A 233 29.48 1.99 7.52
C ILE A 233 30.09 2.65 6.30
N GLY A 234 29.24 3.01 5.34
CA GLY A 234 29.66 3.75 4.15
C GLY A 234 30.38 5.05 4.49
N SER A 235 29.83 5.82 5.42
CA SER A 235 30.44 7.07 5.86
C SER A 235 31.74 6.77 6.58
N TYR A 236 31.73 5.74 7.41
CA TYR A 236 32.92 5.37 8.17
C TYR A 236 34.07 4.99 7.25
N ARG A 237 33.78 4.21 6.21
CA ARG A 237 34.79 3.85 5.23
C ARG A 237 35.50 5.09 4.69
N LEU A 238 34.75 6.18 4.50
CA LEU A 238 35.30 7.38 3.87
C LEU A 238 36.11 8.26 4.81
N ILE A 239 35.77 8.23 6.09
CA ILE A 239 36.47 9.06 7.06
C ILE A 239 37.59 8.32 7.78
N ALA A 240 37.62 6.99 7.67
CA ALA A 240 38.47 6.16 8.53
C ALA A 240 39.95 6.55 8.49
N GLY A 241 40.48 6.76 7.29
CA GLY A 241 41.85 7.21 7.14
C GLY A 241 42.09 8.65 7.61
N GLN A 242 41.06 9.49 7.48
CA GLN A 242 41.20 10.94 7.63
C GLN A 242 41.70 11.37 8.99
N ASN A 243 42.77 12.18 8.97
CA ASN A 243 43.32 12.80 10.17
C ASN A 243 42.30 13.76 10.78
N PRO A 244 41.84 13.48 12.01
CA PRO A 244 40.87 14.35 12.68
C PRO A 244 41.38 15.76 12.91
N GLU A 245 42.68 15.97 12.71
CA GLU A 245 43.28 17.28 12.92
C GLU A 245 42.83 18.26 11.84
N THR A 246 42.62 17.75 10.64
CA THR A 246 42.17 18.53 9.50
C THR A 246 40.73 19.03 9.65
N LEU A 247 40.00 18.51 10.63
CA LEU A 247 38.56 18.78 10.74
C LEU A 247 38.12 20.24 10.47
N PRO A 248 38.67 21.23 11.22
CA PRO A 248 38.22 22.62 11.04
C PRO A 248 38.31 23.17 9.61
N GLN A 249 39.20 22.62 8.79
CA GLN A 249 39.30 22.98 7.38
C GLN A 249 39.01 21.78 6.47
N ASN A 250 38.03 20.96 6.85
CA ASN A 250 37.68 19.74 6.11
C ASN A 250 36.17 19.49 6.11
N PRO A 251 35.43 20.29 5.33
CA PRO A 251 33.96 20.27 5.43
C PRO A 251 33.34 18.91 5.04
N GLU A 252 34.02 18.19 4.14
CA GLU A 252 33.56 16.87 3.72
C GLU A 252 33.63 15.89 4.89
N LEU A 253 34.74 15.91 5.62
CA LEU A 253 34.91 15.12 6.84
C LEU A 253 33.86 15.51 7.89
N ALA A 254 33.68 16.82 8.10
CA ALA A 254 32.68 17.30 9.06
C ALA A 254 31.29 16.83 8.69
N HIS A 255 31.02 16.79 7.38
CA HIS A 255 29.72 16.40 6.93
C HIS A 255 29.44 14.92 7.24
N LEU A 256 30.39 14.06 6.88
CA LEU A 256 30.23 12.64 7.08
C LEU A 256 30.14 12.28 8.57
N ILE A 257 30.89 12.99 9.42
CA ILE A 257 30.81 12.76 10.86
C ILE A 257 29.40 13.06 11.34
N GLN A 258 28.84 14.17 10.88
CA GLN A 258 27.49 14.53 11.28
C GLN A 258 26.44 13.58 10.68
N VAL A 259 26.72 12.98 9.52
CA VAL A 259 25.85 11.94 8.97
C VAL A 259 25.80 10.75 9.92
N ILE A 260 26.97 10.33 10.40
CA ILE A 260 27.05 9.24 11.35
C ILE A 260 26.25 9.55 12.64
N ILE A 261 26.49 10.72 13.23
CA ILE A 261 25.78 11.12 14.44
C ILE A 261 24.26 11.15 14.24
N ARG A 262 23.84 11.74 13.13
CA ARG A 262 22.42 11.87 12.88
C ARG A 262 21.80 10.51 12.61
N THR A 263 22.58 9.61 12.01
CA THR A 263 22.13 8.24 11.82
C THR A 263 22.00 7.47 13.16
N PHE A 264 22.93 7.66 14.09
CA PHE A 264 22.82 7.10 15.43
C PHE A 264 21.53 7.56 16.07
N ASP A 265 21.28 8.86 15.98
CA ASP A 265 20.12 9.54 16.55
C ASP A 265 18.80 9.03 15.99
N LEU A 266 18.74 8.89 14.66
CA LEU A 266 17.56 8.35 14.00
C LEU A 266 17.29 6.90 14.43
N LEU A 267 18.34 6.07 14.43
CA LEU A 267 18.23 4.69 14.90
C LEU A 267 17.73 4.66 16.34
N GLY A 268 18.23 5.57 17.17
CA GLY A 268 17.74 5.70 18.53
C GLY A 268 16.24 5.86 18.57
N LEU A 269 15.72 6.78 17.76
CA LEU A 269 14.28 7.06 17.74
C LEU A 269 13.44 5.98 17.09
N LEU A 270 13.96 5.38 16.03
CA LEU A 270 13.26 4.28 15.35
C LEU A 270 13.12 3.03 16.21
N LEU A 271 14.17 2.67 16.96
CA LEU A 271 14.17 1.40 17.68
C LEU A 271 13.41 1.55 18.98
N HIS A 272 12.09 1.50 18.88
CA HIS A 272 11.24 1.94 19.98
C HIS A 272 10.89 0.83 20.95
N ASP A 273 10.96 -0.42 20.51
CA ASP A 273 10.63 -1.54 21.38
C ASP A 273 11.56 -2.74 21.18
N SER A 274 11.27 -3.81 21.92
CA SER A 274 12.09 -5.03 21.96
C SER A 274 12.34 -5.65 20.60
N ASP A 275 11.28 -5.73 19.81
CA ASP A 275 11.34 -6.41 18.51
C ASP A 275 12.21 -5.58 17.56
N ALA A 276 12.08 -4.26 17.63
CA ALA A 276 12.90 -3.36 16.81
C ALA A 276 14.36 -3.50 17.23
N ILE A 277 14.60 -3.45 18.54
CA ILE A 277 15.94 -3.56 19.10
C ILE A 277 16.59 -4.88 18.70
N ASP A 278 15.82 -5.98 18.80
CA ASP A 278 16.31 -7.31 18.43
C ASP A 278 16.65 -7.37 16.95
N GLY A 279 15.74 -6.88 16.11
CA GLY A 279 16.02 -6.77 14.67
C GLY A 279 17.36 -6.13 14.36
N PHE A 280 17.62 -4.97 14.98
CA PHE A 280 18.88 -4.23 14.86
C PHE A 280 20.09 -5.13 15.21
N VAL A 281 19.95 -5.83 16.33
CA VAL A 281 21.02 -6.69 16.78
C VAL A 281 21.25 -7.86 15.82
N ARG A 282 20.20 -8.45 15.28
CA ARG A 282 20.34 -9.56 14.34
C ARG A 282 20.85 -9.10 12.96
N SER A 283 20.75 -7.79 12.70
CA SER A 283 21.28 -7.21 11.45
C SER A 283 22.67 -6.65 11.64
N ASP A 284 23.30 -7.00 12.77
CA ASP A 284 24.68 -6.61 13.09
C ASP A 284 24.89 -5.11 13.36
N GLY A 285 23.87 -4.49 13.94
CA GLY A 285 23.98 -3.14 14.46
C GLY A 285 25.08 -2.90 15.48
N VAL A 286 25.26 -3.83 16.42
CA VAL A 286 26.24 -3.63 17.49
C VAL A 286 27.68 -3.63 16.96
N GLY A 287 27.96 -4.56 16.05
CA GLY A 287 29.23 -4.57 15.34
C GLY A 287 29.45 -3.32 14.50
N ALA A 288 28.37 -2.86 13.88
CA ALA A 288 28.38 -1.65 13.05
C ALA A 288 28.78 -0.42 13.89
N ILE A 289 28.12 -0.19 15.03
CA ILE A 289 28.45 0.93 15.89
C ILE A 289 29.87 0.82 16.40
N THR A 290 30.21 -0.37 16.87
CA THR A 290 31.48 -0.62 17.50
C THR A 290 32.58 -0.34 16.52
N THR A 291 32.38 -0.74 15.27
CA THR A 291 33.33 -0.40 14.22
C THR A 291 33.48 1.11 14.04
N VAL A 292 32.34 1.79 13.96
CA VAL A 292 32.25 3.21 13.67
C VAL A 292 32.83 4.10 14.77
N VAL A 293 32.61 3.75 16.04
CA VAL A 293 33.16 4.57 17.12
C VAL A 293 34.66 4.38 17.32
N GLN A 294 35.32 3.67 16.40
CA GLN A 294 36.78 3.67 16.37
C GLN A 294 37.31 5.04 15.97
N TYR A 295 36.51 5.80 15.24
CA TYR A 295 36.99 7.10 14.75
C TYR A 295 37.13 8.09 15.90
N PRO A 296 38.31 8.71 16.06
CA PRO A 296 38.55 9.58 17.20
C PRO A 296 37.85 10.92 17.07
N ASN A 297 36.53 10.91 17.20
CA ASN A 297 35.75 12.11 17.37
C ASN A 297 34.82 11.86 18.55
N ASN A 298 34.88 12.75 19.53
CA ASN A 298 34.18 12.54 20.78
C ASN A 298 32.66 12.63 20.65
N ASP A 299 32.18 13.55 19.82
CA ASP A 299 30.74 13.66 19.58
C ASP A 299 30.20 12.37 18.99
N LEU A 300 31.02 11.76 18.14
CA LEU A 300 30.67 10.54 17.45
C LEU A 300 30.66 9.35 18.42
N ILE A 301 31.70 9.27 19.27
CA ILE A 301 31.80 8.20 20.25
C ILE A 301 30.64 8.26 21.27
N ARG A 302 30.36 9.45 21.82
CA ARG A 302 29.20 9.65 22.71
C ARG A 302 27.87 9.16 22.12
N ALA A 303 27.66 9.44 20.83
CA ALA A 303 26.39 9.16 20.20
C ALA A 303 26.28 7.67 19.89
N GLY A 304 27.40 7.10 19.48
CA GLY A 304 27.52 5.66 19.30
C GLY A 304 27.26 4.88 20.58
N CYS A 305 27.94 5.23 21.65
CA CYS A 305 27.74 4.56 22.92
C CYS A 305 26.32 4.73 23.51
N LYS A 306 25.71 5.89 23.30
CA LYS A 306 24.33 6.14 23.73
C LYS A 306 23.40 5.11 23.10
N LEU A 307 23.59 4.85 21.82
CA LEU A 307 22.79 3.88 21.11
C LEU A 307 23.09 2.41 21.52
N LEU A 308 24.35 2.09 21.81
CA LEU A 308 24.71 0.81 22.41
C LEU A 308 23.97 0.58 23.75
N LEU A 309 24.01 1.58 24.63
CA LEU A 309 23.29 1.47 25.90
C LEU A 309 21.82 1.12 25.64
N GLN A 310 21.20 1.81 24.69
CA GLN A 310 19.79 1.63 24.39
C GLN A 310 19.44 0.21 23.92
N VAL A 311 20.39 -0.48 23.31
CA VAL A 311 20.12 -1.78 22.74
C VAL A 311 20.65 -2.91 23.61
N SER A 312 21.27 -2.57 24.73
CA SER A 312 22.04 -3.53 25.54
C SER A 312 21.26 -4.71 26.16
N ASP A 313 19.94 -4.56 26.33
CA ASP A 313 19.09 -5.64 26.85
C ASP A 313 18.55 -6.61 25.79
N ALA A 314 19.02 -6.52 24.56
CA ALA A 314 18.51 -7.41 23.53
C ALA A 314 18.87 -8.86 23.86
N LYS A 315 17.89 -9.76 23.77
CA LYS A 315 18.18 -11.16 24.02
C LYS A 315 18.99 -11.73 22.85
N ALA A 316 18.88 -11.10 21.68
CA ALA A 316 19.67 -11.49 20.52
C ALA A 316 21.16 -11.30 20.75
N LEU A 317 21.51 -10.51 21.76
CA LEU A 317 22.91 -10.32 22.11
C LEU A 317 23.51 -11.59 22.72
N ALA A 318 22.67 -12.59 23.01
CA ALA A 318 23.14 -13.92 23.38
C ALA A 318 23.70 -14.65 22.17
N LYS A 319 23.30 -14.23 20.98
CA LYS A 319 23.71 -14.87 19.73
C LYS A 319 24.80 -14.14 18.93
N THR A 320 25.07 -12.87 19.23
CA THR A 320 26.06 -12.11 18.46
C THR A 320 27.47 -12.49 18.85
N PRO A 321 28.38 -12.63 17.86
CA PRO A 321 29.78 -12.77 18.23
C PRO A 321 30.23 -11.57 19.04
N LEU A 322 30.63 -11.78 20.30
CA LEU A 322 31.12 -10.68 21.13
C LEU A 322 32.59 -10.78 21.49
N GLU A 323 33.29 -11.75 20.92
CA GLU A 323 34.71 -11.97 21.24
C GLU A 323 35.63 -10.79 20.90
N ASN A 324 35.23 -9.98 19.92
CA ASN A 324 36.00 -8.80 19.53
C ASN A 324 35.41 -7.48 20.02
N ILE A 325 34.09 -7.39 20.00
CA ILE A 325 33.40 -6.19 20.42
C ILE A 325 33.65 -5.89 21.90
N LEU A 326 33.38 -6.87 22.76
CA LEU A 326 33.49 -6.68 24.19
C LEU A 326 34.88 -6.20 24.63
N PRO A 327 35.97 -6.87 24.19
CA PRO A 327 37.30 -6.34 24.52
C PRO A 327 37.56 -4.90 24.06
N PHE A 328 37.06 -4.53 22.88
CA PHE A 328 37.20 -3.15 22.41
C PHE A 328 36.45 -2.18 23.31
N LEU A 329 35.19 -2.48 23.62
CA LEU A 329 34.42 -1.63 24.53
C LEU A 329 35.05 -1.51 25.93
N LEU A 330 35.61 -2.61 26.45
CA LEU A 330 36.31 -2.59 27.74
C LEU A 330 37.48 -1.62 27.71
N ARG A 331 38.27 -1.72 26.64
CA ARG A 331 39.41 -0.86 26.36
C ARG A 331 39.00 0.61 26.24
N LEU A 332 37.89 0.85 25.54
CA LEU A 332 37.36 2.19 25.36
C LEU A 332 36.98 2.83 26.70
N ILE A 333 36.32 2.03 27.54
CA ILE A 333 35.96 2.44 28.90
C ILE A 333 37.21 2.75 29.74
N GLU A 334 38.24 1.93 29.62
CA GLU A 334 39.46 2.14 30.38
C GLU A 334 40.14 3.49 30.11
N ILE A 335 40.18 3.91 28.86
CA ILE A 335 40.96 5.09 28.46
C ILE A 335 40.19 6.37 28.19
N HIS A 336 38.91 6.28 27.80
CA HIS A 336 38.18 7.48 27.39
C HIS A 336 37.92 8.44 28.54
N PRO A 337 38.29 9.71 28.37
CA PRO A 337 38.17 10.65 29.48
C PRO A 337 36.74 11.16 29.75
N ASP A 338 35.79 10.84 28.89
CA ASP A 338 34.46 11.40 29.07
C ASP A 338 33.55 10.51 29.94
N ASP A 339 32.92 11.11 30.94
CA ASP A 339 32.03 10.37 31.86
C ASP A 339 30.74 9.84 31.25
N GLU A 340 30.27 10.45 30.15
CA GLU A 340 29.09 9.98 29.44
C GLU A 340 29.39 8.67 28.74
N VAL A 341 30.61 8.53 28.26
CA VAL A 341 31.02 7.30 27.60
C VAL A 341 31.19 6.20 28.66
N ILE A 342 31.93 6.50 29.72
CA ILE A 342 32.11 5.59 30.83
C ILE A 342 30.77 5.09 31.27
N TYR A 343 29.82 6.01 31.39
CA TYR A 343 28.47 5.69 31.83
C TYR A 343 27.81 4.77 30.85
N SER A 344 27.88 5.11 29.57
CA SER A 344 27.26 4.33 28.50
C SER A 344 27.87 2.94 28.36
N GLY A 345 29.19 2.87 28.41
CA GLY A 345 29.91 1.61 28.29
C GLY A 345 29.60 0.63 29.42
N THR A 346 29.83 1.08 30.65
CA THR A 346 29.55 0.27 31.82
C THR A 346 28.08 -0.13 31.87
N GLY A 347 27.19 0.75 31.41
CA GLY A 347 25.77 0.43 31.32
C GLY A 347 25.54 -0.70 30.34
N PHE A 348 26.23 -0.63 29.21
CA PHE A 348 26.17 -1.66 28.17
C PHE A 348 26.68 -2.98 28.71
N LEU A 349 27.79 -2.92 29.43
CA LEU A 349 28.46 -4.10 29.96
C LEU A 349 27.53 -4.89 30.89
N SER A 350 26.93 -4.23 31.88
CA SER A 350 26.07 -4.95 32.84
C SER A 350 24.87 -5.59 32.19
N ASN A 351 24.22 -4.91 31.26
CA ASN A 351 23.14 -5.54 30.49
C ASN A 351 23.60 -6.69 29.60
N VAL A 352 24.76 -6.55 28.98
CA VAL A 352 25.22 -7.58 28.04
C VAL A 352 25.63 -8.89 28.75
N VAL A 353 26.24 -8.78 29.93
CA VAL A 353 26.70 -9.98 30.66
C VAL A 353 25.54 -10.66 31.39
N ALA A 354 24.46 -9.93 31.61
CA ALA A 354 23.34 -10.44 32.37
C ALA A 354 22.77 -11.69 31.70
N HIS A 355 22.69 -12.78 32.46
CA HIS A 355 22.06 -14.03 32.03
C HIS A 355 22.79 -14.76 30.91
N LYS A 356 24.02 -14.36 30.63
CA LYS A 356 24.75 -14.93 29.51
C LYS A 356 26.14 -15.38 29.95
N GLN A 357 26.25 -16.69 30.18
CA GLN A 357 27.48 -17.32 30.63
C GLN A 357 28.68 -17.10 29.71
N HIS A 358 28.55 -17.41 28.42
CA HIS A 358 29.67 -17.23 27.50
C HIS A 358 30.11 -15.77 27.40
N VAL A 359 29.14 -14.85 27.50
CA VAL A 359 29.41 -13.41 27.48
C VAL A 359 30.13 -12.97 28.76
N LYS A 360 29.65 -13.44 29.91
CA LYS A 360 30.42 -13.28 31.15
C LYS A 360 31.87 -13.77 30.97
N ASP A 361 32.02 -14.91 30.30
CA ASP A 361 33.35 -15.48 30.13
C ASP A 361 34.27 -14.60 29.30
N ILE A 362 33.75 -13.94 28.27
CA ILE A 362 34.55 -13.03 27.45
C ILE A 362 34.97 -11.82 28.29
N ALA A 363 33.99 -11.20 28.94
CA ALA A 363 34.28 -10.07 29.80
C ALA A 363 35.43 -10.41 30.76
N ILE A 364 35.26 -11.49 31.53
CA ILE A 364 36.23 -11.87 32.57
C ILE A 364 37.63 -12.12 31.99
N ARG A 365 37.70 -12.87 30.89
CA ARG A 365 38.96 -13.10 30.17
C ARG A 365 39.65 -11.82 29.70
N SER A 366 38.88 -10.77 29.44
CA SER A 366 39.46 -9.49 29.05
C SER A 366 39.64 -8.56 30.25
N ASN A 367 39.63 -9.15 31.45
CA ASN A 367 39.96 -8.43 32.67
C ASN A 367 38.91 -7.43 33.11
N ALA A 368 37.64 -7.72 32.80
CA ALA A 368 36.56 -6.84 33.18
C ALA A 368 36.50 -6.57 34.69
N ILE A 369 36.84 -7.57 35.51
CA ILE A 369 36.77 -7.42 36.96
C ILE A 369 37.79 -6.38 37.45
N PHE A 370 39.03 -6.51 37.01
CA PHE A 370 40.04 -5.50 37.27
C PHE A 370 39.57 -4.08 36.84
N LEU A 371 38.83 -4.01 35.73
CA LEU A 371 38.39 -2.73 35.21
C LEU A 371 37.32 -2.11 36.07
N LEU A 372 36.37 -2.92 36.52
CA LEU A 372 35.32 -2.44 37.43
C LEU A 372 35.91 -1.84 38.70
N HIS A 373 36.96 -2.47 39.23
CA HIS A 373 37.65 -1.95 40.40
C HIS A 373 38.21 -0.60 40.07
N THR A 374 38.84 -0.47 38.91
CA THR A 374 39.47 0.79 38.51
C THR A 374 38.44 1.92 38.38
N ILE A 375 37.35 1.67 37.67
CA ILE A 375 36.36 2.71 37.45
C ILE A 375 35.77 3.19 38.78
N ILE A 376 35.45 2.25 39.66
CA ILE A 376 34.95 2.63 40.98
C ILE A 376 36.03 3.41 41.77
N SER A 377 37.27 2.93 41.76
CA SER A 377 38.37 3.59 42.48
C SER A 377 38.74 5.00 42.03
N LYS A 378 38.38 5.36 40.79
CA LYS A 378 38.90 6.61 40.22
C LYS A 378 38.10 7.83 40.65
N TYR A 379 36.88 7.61 41.09
CA TYR A 379 35.99 8.70 41.49
C TYR A 379 36.11 9.07 42.96
N PRO A 380 35.89 10.35 43.29
CA PRO A 380 35.87 10.73 44.69
C PRO A 380 34.59 10.23 45.34
N ARG A 381 34.50 10.38 46.65
CA ARG A 381 33.27 10.10 47.37
C ARG A 381 32.17 11.06 46.88
N LEU A 382 30.91 10.62 46.95
CA LEU A 382 29.79 11.38 46.46
C LEU A 382 29.67 12.74 47.15
N ASP A 383 29.97 12.77 48.44
CA ASP A 383 29.89 13.99 49.24
C ASP A 383 30.94 15.05 48.82
N GLU A 384 31.96 14.62 48.08
CA GLU A 384 32.95 15.53 47.54
C GLU A 384 32.53 16.13 46.18
N LEU A 385 31.33 15.81 45.69
CA LEU A 385 30.89 16.28 44.37
C LEU A 385 29.78 17.33 44.43
N THR A 386 30.12 18.54 44.00
CA THR A 386 29.28 19.72 44.21
C THR A 386 28.11 19.85 43.23
N ASP A 387 28.38 19.69 41.93
CA ASP A 387 27.31 19.85 40.95
C ASP A 387 26.47 18.57 40.80
N ALA A 388 25.15 18.73 40.76
CA ALA A 388 24.22 17.59 40.79
C ALA A 388 24.38 16.61 39.61
N PRO A 389 24.26 17.09 38.35
CA PRO A 389 24.43 16.21 37.20
C PRO A 389 25.64 15.27 37.31
N LYS A 390 26.77 15.82 37.73
CA LYS A 390 28.02 15.08 37.81
C LYS A 390 27.97 13.99 38.90
N ARG A 391 27.48 14.35 40.09
CA ARG A 391 27.35 13.39 41.19
C ARG A 391 26.43 12.23 40.84
N ASN A 392 25.27 12.53 40.26
CA ASN A 392 24.31 11.51 39.85
C ASN A 392 24.83 10.57 38.78
N ARG A 393 25.71 11.09 37.92
CA ARG A 393 26.30 10.31 36.86
C ARG A 393 27.31 9.36 37.50
N VAL A 394 28.18 9.91 38.35
CA VAL A 394 29.16 9.09 39.08
C VAL A 394 28.45 7.97 39.84
N CYS A 395 27.30 8.32 40.40
CA CYS A 395 26.50 7.42 41.18
C CYS A 395 25.99 6.29 40.29
N GLU A 396 25.59 6.65 39.06
CA GLU A 396 25.13 5.68 38.07
C GLU A 396 26.29 4.82 37.50
N ILE A 397 27.47 5.40 37.39
CA ILE A 397 28.65 4.68 36.93
C ILE A 397 29.05 3.60 37.93
N ILE A 398 29.04 3.93 39.22
CA ILE A 398 29.34 2.96 40.26
C ILE A 398 28.25 1.88 40.31
N CYS A 399 27.00 2.29 40.23
CA CYS A 399 25.90 1.32 40.21
C CYS A 399 26.04 0.29 39.08
N ASN A 400 26.40 0.77 37.88
CA ASN A 400 26.56 -0.08 36.70
C ASN A 400 27.65 -1.11 36.93
N CYS A 401 28.74 -0.65 37.55
CA CYS A 401 29.93 -1.45 37.76
C CYS A 401 29.61 -2.56 38.74
N LEU A 402 28.93 -2.20 39.82
CA LEU A 402 28.59 -3.15 40.86
C LEU A 402 27.55 -4.13 40.37
N ARG A 403 26.66 -3.68 39.49
CA ARG A 403 25.70 -4.58 38.84
C ARG A 403 26.43 -5.56 37.91
N THR A 404 27.54 -5.12 37.31
CA THR A 404 28.29 -6.00 36.47
C THR A 404 28.96 -7.07 37.32
N LEU A 405 29.64 -6.62 38.38
CA LEU A 405 30.31 -7.52 39.32
C LEU A 405 29.34 -8.56 39.88
N ASN A 406 28.19 -8.13 40.37
CA ASN A 406 27.19 -9.05 40.91
C ASN A 406 26.80 -10.16 39.93
N ASN A 407 26.71 -9.83 38.64
CA ASN A 407 26.50 -10.83 37.60
C ASN A 407 27.61 -11.89 37.53
N PHE A 408 28.85 -11.48 37.76
CA PHE A 408 29.96 -12.43 37.81
C PHE A 408 29.94 -13.28 39.08
N LEU A 409 29.84 -12.63 40.24
CA LEU A 409 29.85 -13.32 41.53
C LEU A 409 28.82 -14.43 41.59
N MET A 410 27.71 -14.20 40.91
CA MET A 410 26.61 -15.15 40.91
C MET A 410 27.05 -16.53 40.42
N MET A 411 28.02 -16.57 39.50
CA MET A 411 28.48 -17.84 38.94
C MET A 411 29.30 -18.74 39.90
N TRP A 412 30.03 -18.14 40.81
CA TRP A 412 30.89 -18.91 41.73
C TRP A 412 30.27 -19.14 43.10
N ILE A 413 28.95 -18.99 43.19
CA ILE A 413 28.27 -19.18 44.44
C ILE A 413 27.46 -20.47 44.40
N PRO A 414 27.72 -21.37 45.36
CA PRO A 414 27.09 -22.68 45.48
C PRO A 414 25.57 -22.58 45.55
N THR A 415 24.90 -23.23 44.60
CA THR A 415 23.44 -23.35 44.59
C THR A 415 23.07 -24.84 44.80
N PRO A 416 21.84 -25.12 45.31
CA PRO A 416 21.36 -26.50 45.34
C PRO A 416 21.34 -27.15 43.95
N ASN A 417 20.86 -26.39 42.94
CA ASN A 417 20.84 -26.84 41.56
C ASN A 417 22.17 -26.58 40.85
N THR A 420 28.47 -26.22 41.28
CA THR A 420 29.50 -25.28 41.69
C THR A 420 30.49 -25.04 40.55
N LYS A 421 30.50 -23.82 40.02
CA LYS A 421 31.52 -23.41 39.05
C LYS A 421 32.79 -22.99 39.79
N THR A 422 33.94 -23.26 39.18
CA THR A 422 35.22 -22.99 39.83
C THR A 422 35.87 -21.77 39.22
N ALA A 423 36.44 -20.93 40.07
CA ALA A 423 37.11 -19.74 39.62
C ALA A 423 38.60 -19.99 39.52
N GLY A 424 39.22 -19.48 38.46
CA GLY A 424 40.65 -19.63 38.25
C GLY A 424 41.48 -18.73 39.15
N PRO A 425 42.82 -18.88 39.09
CA PRO A 425 43.73 -18.09 39.94
C PRO A 425 43.61 -16.59 39.72
N ASN A 426 43.52 -16.16 38.47
CA ASN A 426 43.44 -14.74 38.14
C ASN A 426 42.09 -14.13 38.50
N GLU A 427 41.03 -14.88 38.24
CA GLU A 427 39.67 -14.45 38.57
C GLU A 427 39.50 -14.25 40.07
N LYS A 428 40.04 -15.19 40.86
CA LYS A 428 39.99 -15.10 42.33
C LYS A 428 40.64 -13.83 42.85
N GLN A 429 41.85 -13.52 42.38
CA GLN A 429 42.57 -12.37 42.92
C GLN A 429 42.00 -11.03 42.44
N GLN A 430 41.41 -11.00 41.24
CA GLN A 430 40.72 -9.79 40.77
C GLN A 430 39.50 -9.50 41.63
N VAL A 431 38.68 -10.52 41.88
CA VAL A 431 37.51 -10.42 42.78
C VAL A 431 37.91 -9.98 44.20
N CYS A 432 39.04 -10.49 44.68
CA CYS A 432 39.50 -10.18 46.03
C CYS A 432 40.03 -8.76 46.20
N LYS A 433 40.14 -8.04 45.09
CA LYS A 433 40.49 -6.62 45.14
C LYS A 433 39.35 -5.82 45.79
N PHE A 434 38.15 -6.37 45.72
CA PHE A 434 37.02 -5.69 46.24
C PHE A 434 36.89 -5.76 47.77
N ILE A 435 37.78 -6.48 48.46
CA ILE A 435 37.78 -6.41 49.91
C ILE A 435 38.98 -5.65 50.49
N GLU A 436 39.80 -5.08 49.61
CA GLU A 436 40.85 -4.15 50.01
C GLU A 436 40.25 -2.97 50.79
N ILE A 437 41.02 -2.38 51.69
CA ILE A 437 40.43 -1.43 52.61
C ILE A 437 39.92 -0.16 51.92
N ASP A 438 40.60 0.29 50.86
CA ASP A 438 40.19 1.54 50.24
C ASP A 438 38.84 1.48 49.53
N ILE A 439 38.58 0.42 48.78
CA ILE A 439 37.29 0.31 48.13
C ILE A 439 36.12 0.00 49.09
N LEU A 440 36.37 -0.78 50.14
CA LEU A 440 35.38 -0.98 51.20
C LEU A 440 35.02 0.37 51.80
N LYS A 441 36.03 1.19 52.09
CA LYS A 441 35.81 2.57 52.52
C LYS A 441 34.97 3.42 51.53
N LYS A 442 35.25 3.30 50.22
CA LYS A 442 34.46 4.01 49.21
C LYS A 442 33.01 3.56 49.17
N LEU A 443 32.80 2.25 49.20
CA LEU A 443 31.45 1.69 49.14
C LEU A 443 30.65 1.98 50.40
N MET A 444 31.37 2.02 51.52
CA MET A 444 30.79 2.30 52.81
C MET A 444 30.29 3.74 52.83
N SER A 445 31.12 4.64 52.32
CA SER A 445 30.77 6.05 52.21
C SER A 445 29.51 6.23 51.38
N CYS A 446 29.38 5.48 50.29
CA CYS A 446 28.21 5.58 49.42
C CYS A 446 26.92 5.20 50.13
N LEU A 447 27.04 4.23 51.04
CA LEU A 447 25.95 3.78 51.88
C LEU A 447 25.41 4.84 52.84
N SER A 448 26.30 5.72 53.30
CA SER A 448 25.99 6.58 54.43
C SER A 448 26.27 8.09 54.24
N CYS A 449 26.85 8.49 53.11
CA CYS A 449 27.06 9.91 52.86
C CYS A 449 25.75 10.69 52.98
N GLU A 450 25.83 11.90 53.55
CA GLU A 450 24.67 12.80 53.57
C GLU A 450 24.47 13.34 52.16
N GLY A 451 24.84 12.50 51.19
CA GLY A 451 24.65 12.74 49.76
C GLY A 451 23.23 13.19 49.50
N MET A 452 23.12 14.24 48.70
CA MET A 452 21.92 15.09 48.65
C MET A 452 20.90 14.51 47.67
N ASP A 453 20.29 15.40 46.89
CA ASP A 453 19.36 15.00 45.84
C ASP A 453 20.17 14.30 44.75
N THR A 454 20.24 12.98 44.85
CA THR A 454 20.84 12.16 43.81
C THR A 454 19.83 11.07 43.47
N PRO A 455 19.14 11.21 42.32
CA PRO A 455 18.04 10.31 41.97
C PRO A 455 18.41 8.82 41.88
N GLY A 456 19.64 8.51 41.49
CA GLY A 456 20.06 7.11 41.41
C GLY A 456 20.68 6.54 42.69
N LEU A 457 20.62 7.30 43.78
CA LEU A 457 21.18 6.89 45.06
C LEU A 457 20.47 5.66 45.63
N LEU A 458 19.16 5.62 45.51
CA LEU A 458 18.40 4.50 46.04
C LEU A 458 18.86 3.18 45.45
N GLU A 459 19.02 3.14 44.12
CA GLU A 459 19.42 1.95 43.41
C GLU A 459 20.90 1.61 43.67
N LEU A 460 21.74 2.63 43.88
CA LEU A 460 23.13 2.40 44.22
C LEU A 460 23.23 1.66 45.55
N ARG A 461 22.52 2.18 46.55
CA ARG A 461 22.56 1.66 47.91
C ARG A 461 22.01 0.22 47.98
N SER A 462 20.93 -0.04 47.25
CA SER A 462 20.40 -1.39 47.19
C SER A 462 21.39 -2.34 46.51
N THR A 463 22.13 -1.84 45.52
CA THR A 463 23.07 -2.62 44.74
C THR A 463 24.36 -2.93 45.52
N ILE A 464 24.86 -1.98 46.30
CA ILE A 464 26.02 -2.19 47.15
C ILE A 464 25.75 -3.28 48.20
N LEU A 465 24.58 -3.26 48.81
CA LEU A 465 24.21 -4.28 49.77
C LEU A 465 24.32 -5.65 49.11
N ARG A 466 23.73 -5.78 47.91
CA ARG A 466 23.81 -7.01 47.10
C ARG A 466 25.26 -7.40 46.83
N SER A 467 26.11 -6.43 46.52
CA SER A 467 27.51 -6.73 46.28
C SER A 467 28.15 -7.33 47.52
N PHE A 468 27.85 -6.74 48.68
CA PHE A 468 28.39 -7.26 49.93
C PHE A 468 27.84 -8.64 50.21
N ILE A 469 26.58 -8.86 49.87
CA ILE A 469 25.97 -10.15 50.11
C ILE A 469 26.68 -11.23 49.29
N LEU A 470 26.94 -10.94 48.00
CA LEU A 470 27.56 -11.92 47.12
C LEU A 470 29.05 -12.12 47.40
N LEU A 471 29.78 -11.06 47.71
CA LEU A 471 31.19 -11.18 48.06
C LEU A 471 31.37 -12.05 49.30
N LEU A 472 30.53 -11.81 50.31
CA LEU A 472 30.61 -12.56 51.56
C LEU A 472 30.06 -13.98 51.45
N ARG A 473 29.21 -14.24 50.48
CA ARG A 473 28.74 -15.59 50.23
C ARG A 473 29.71 -16.35 49.32
N THR A 474 30.77 -15.68 48.86
CA THR A 474 31.74 -16.25 47.91
C THR A 474 32.93 -16.95 48.59
N PRO A 475 33.07 -18.28 48.39
CA PRO A 475 33.98 -19.17 49.12
C PRO A 475 35.42 -18.70 49.21
N PHE A 476 35.99 -18.24 48.10
CA PHE A 476 37.40 -17.80 48.07
C PHE A 476 37.69 -16.38 48.57
N VAL A 477 36.66 -15.62 48.91
CA VAL A 477 36.84 -14.26 49.39
C VAL A 477 37.11 -14.29 50.90
N PRO A 478 38.25 -13.73 51.35
CA PRO A 478 38.55 -13.64 52.78
C PRO A 478 37.57 -12.75 53.53
N LYS A 479 37.14 -13.19 54.70
CA LYS A 479 36.10 -12.51 55.46
C LYS A 479 36.60 -11.93 56.79
N ASP A 480 37.80 -12.31 57.16
CA ASP A 480 38.46 -11.87 58.39
C ASP A 480 38.41 -10.36 58.61
N GLY A 481 38.84 -9.59 57.62
CA GLY A 481 39.13 -8.16 57.79
C GLY A 481 38.03 -7.14 57.49
N VAL A 482 36.89 -7.60 56.98
CA VAL A 482 35.84 -6.71 56.51
C VAL A 482 35.29 -5.81 57.62
N LEU A 483 34.94 -6.43 58.74
CA LEU A 483 34.36 -5.69 59.87
C LEU A 483 35.36 -4.88 60.69
N ASN A 484 36.64 -4.96 60.35
CA ASN A 484 37.67 -4.16 61.02
C ASN A 484 37.95 -2.85 60.28
N VAL A 485 37.28 -2.66 59.15
CA VAL A 485 37.49 -1.47 58.37
C VAL A 485 36.55 -0.38 58.90
N ILE A 486 37.17 0.72 59.32
CA ILE A 486 36.51 1.82 60.00
C ILE A 486 36.74 3.08 59.19
N ASP A 487 35.69 3.68 58.65
CA ASP A 487 35.87 4.86 57.79
C ASP A 487 36.39 6.06 58.58
N GLU A 488 37.11 6.95 57.88
CA GLU A 488 37.76 8.11 58.51
C GLU A 488 36.78 9.21 58.91
N ASN A 489 35.59 9.20 58.30
CA ASN A 489 34.61 10.25 58.45
C ASN A 489 33.62 10.01 59.61
N ARG A 490 32.84 8.93 59.53
CA ARG A 490 31.86 8.61 60.58
C ARG A 490 32.44 7.77 61.73
N LYS A 491 33.66 7.27 61.55
CA LYS A 491 34.31 6.36 62.51
C LYS A 491 33.44 5.11 62.76
N GLU A 492 32.82 4.60 61.70
CA GLU A 492 31.96 3.43 61.79
C GLU A 492 32.47 2.28 60.91
N ASN A 493 32.10 1.06 61.28
CA ASN A 493 32.38 -0.09 60.44
C ASN A 493 31.19 -0.42 59.56
N LEU A 494 31.29 -1.51 58.80
CA LEU A 494 30.29 -1.83 57.79
C LEU A 494 28.87 -1.84 58.33
N ILE A 495 28.72 -2.24 59.59
CA ILE A 495 27.40 -2.37 60.19
C ILE A 495 26.72 -1.00 60.29
N GLY A 496 27.47 -0.01 60.72
CA GLY A 496 26.95 1.34 60.91
C GLY A 496 26.46 1.98 59.62
N HIS A 497 27.24 1.81 58.55
CA HIS A 497 26.88 2.32 57.24
C HIS A 497 25.67 1.56 56.70
N ILE A 498 25.63 0.25 56.92
CA ILE A 498 24.47 -0.52 56.55
C ILE A 498 23.26 0.05 57.32
N CYS A 499 23.45 0.31 58.60
CA CYS A 499 22.39 0.88 59.43
C CYS A 499 21.93 2.27 59.00
N ALA A 500 22.88 3.12 58.62
CA ALA A 500 22.56 4.48 58.21
C ALA A 500 21.74 4.48 56.93
N ALA A 501 22.01 3.57 56.01
CA ALA A 501 21.27 3.43 54.75
C ALA A 501 19.84 2.97 54.99
N TYR A 502 19.71 1.95 55.84
CA TYR A 502 18.42 1.42 56.26
C TYR A 502 17.54 2.53 56.87
N SER A 503 18.09 3.25 57.83
CA SER A 503 17.38 4.36 58.45
C SER A 503 17.05 5.47 57.43
N TRP A 504 17.93 5.66 56.47
CA TRP A 504 17.74 6.65 55.42
C TRP A 504 16.55 6.30 54.52
N VAL A 505 16.41 5.03 54.18
CA VAL A 505 15.33 4.61 53.29
C VAL A 505 13.96 4.95 53.86
N PHE A 506 13.86 5.02 55.19
CA PHE A 506 12.58 5.29 55.84
C PHE A 506 12.25 6.78 55.93
N ARG A 507 13.25 7.65 55.84
CA ARG A 507 13.05 9.09 55.85
C ARG A 507 12.64 9.59 54.47
N GLN A 508 12.82 8.75 53.45
CA GLN A 508 12.54 9.13 52.07
C GLN A 508 11.05 9.31 51.81
N PRO A 509 10.69 10.19 50.87
CA PRO A 509 9.29 10.37 50.43
C PRO A 509 8.63 9.10 49.91
N ASN A 510 7.35 8.90 50.27
CA ASN A 510 6.56 7.81 49.73
C ASN A 510 6.13 8.10 48.29
N ASN A 511 6.17 7.05 47.46
CA ASN A 511 6.11 7.20 46.02
C ASN A 511 6.05 5.83 45.36
N THR A 512 5.00 5.56 44.60
CA THR A 512 4.79 4.25 43.99
C THR A 512 5.90 3.87 43.00
N ARG A 513 6.60 4.87 42.46
CA ARG A 513 7.69 4.62 41.52
C ARG A 513 8.89 3.96 42.22
N THR A 514 9.16 4.37 43.46
CA THR A 514 10.34 3.91 44.18
C THR A 514 10.08 2.78 45.17
N GLN A 515 8.81 2.50 45.48
CA GLN A 515 8.45 1.51 46.51
C GLN A 515 9.11 0.15 46.33
N SER A 516 9.18 -0.30 45.09
CA SER A 516 9.77 -1.58 44.74
C SER A 516 11.24 -1.71 45.20
N THR A 517 12.05 -0.69 44.93
CA THR A 517 13.45 -0.70 45.29
C THR A 517 13.67 -0.50 46.79
N LYS A 518 12.88 0.35 47.42
CA LYS A 518 12.97 0.58 48.86
C LYS A 518 12.78 -0.74 49.58
N GLN A 519 11.77 -1.49 49.16
CA GLN A 519 11.51 -2.79 49.72
C GLN A 519 12.69 -3.74 49.50
N GLN A 520 13.32 -3.71 48.31
CA GLN A 520 14.42 -4.63 48.08
C GLN A 520 15.65 -4.23 48.88
N LEU A 521 15.81 -2.93 49.13
CA LEU A 521 16.87 -2.43 50.00
C LEU A 521 16.67 -2.89 51.44
N VAL A 522 15.43 -2.88 51.91
CA VAL A 522 15.11 -3.31 53.25
C VAL A 522 15.37 -4.81 53.37
N GLU A 523 14.99 -5.57 52.35
CA GLU A 523 15.17 -7.00 52.35
C GLU A 523 16.66 -7.37 52.31
N ARG A 524 17.44 -6.63 51.55
CA ARG A 524 18.86 -6.89 51.46
C ARG A 524 19.59 -6.50 52.73
N THR A 525 19.09 -5.48 53.42
CA THR A 525 19.65 -5.10 54.71
C THR A 525 19.58 -6.28 55.68
N ILE A 526 18.37 -6.82 55.84
CA ILE A 526 18.15 -7.98 56.68
C ILE A 526 19.02 -9.14 56.22
N SER A 527 19.05 -9.36 54.91
CA SER A 527 19.81 -10.45 54.33
C SER A 527 21.30 -10.28 54.57
N LEU A 528 21.81 -9.06 54.44
CA LEU A 528 23.24 -8.80 54.68
C LEU A 528 23.63 -8.90 56.16
N LEU A 529 22.74 -8.49 57.06
CA LEU A 529 22.98 -8.62 58.49
C LEU A 529 23.16 -10.10 58.89
N LEU A 530 22.35 -10.97 58.32
CA LEU A 530 22.51 -12.42 58.53
C LEU A 530 23.82 -12.95 57.95
N VAL A 531 24.11 -12.57 56.71
CA VAL A 531 25.32 -13.04 56.04
C VAL A 531 26.55 -12.66 56.86
N LEU A 532 26.58 -11.42 57.35
CA LEU A 532 27.68 -10.96 58.20
C LEU A 532 27.79 -11.80 59.47
N MET A 533 26.63 -12.11 60.05
CA MET A 533 26.58 -12.88 61.28
C MET A 533 27.22 -14.25 61.06
N GLU A 534 26.68 -15.00 60.10
CA GLU A 534 27.18 -16.33 59.77
C GLU A 534 28.61 -16.32 59.23
N GLN A 535 28.82 -15.52 58.20
CA GLN A 535 30.03 -15.59 57.38
C GLN A 535 31.28 -14.97 58.01
N CYS A 536 31.10 -14.03 58.91
CA CYS A 536 32.24 -13.35 59.52
C CYS A 536 32.47 -13.78 60.96
N GLY A 537 31.64 -14.73 61.41
CA GLY A 537 31.65 -15.22 62.79
C GLY A 537 31.44 -14.07 63.76
N ALA A 538 30.40 -13.27 63.48
CA ALA A 538 30.22 -11.99 64.14
C ALA A 538 28.82 -11.80 64.71
N GLU A 539 28.17 -12.88 65.11
CA GLU A 539 26.84 -12.79 65.68
C GLU A 539 26.74 -11.72 66.78
N LYS A 540 27.62 -11.79 67.77
CA LYS A 540 27.71 -10.78 68.83
C LYS A 540 27.80 -9.37 68.26
N GLU A 541 28.91 -9.09 67.58
CA GLU A 541 29.22 -7.72 67.13
C GLU A 541 28.17 -7.14 66.19
N VAL A 542 27.55 -7.97 65.36
CA VAL A 542 26.50 -7.51 64.50
C VAL A 542 25.30 -7.07 65.34
N ALA A 543 24.96 -7.87 66.33
CA ALA A 543 23.85 -7.56 67.22
C ALA A 543 24.09 -6.27 67.99
N GLN A 544 25.27 -6.10 68.58
CA GLN A 544 25.52 -4.92 69.40
C GLN A 544 25.75 -3.65 68.60
N TYR A 545 26.31 -3.76 67.41
CA TYR A 545 26.47 -2.60 66.52
C TYR A 545 25.18 -2.26 65.79
N SER A 546 24.10 -2.97 66.11
CA SER A 546 22.81 -2.74 65.48
C SER A 546 21.79 -2.05 66.38
N TYR A 547 22.26 -1.41 67.44
CA TYR A 547 21.40 -0.64 68.31
C TYR A 547 20.61 0.42 67.53
N SER A 548 21.19 0.93 66.44
CA SER A 548 20.59 2.02 65.67
C SER A 548 19.31 1.69 64.89
N ILE A 549 19.03 0.41 64.65
CA ILE A 549 17.78 0.06 63.97
C ILE A 549 16.74 -0.44 64.94
N ASP A 550 15.49 -0.05 64.69
CA ASP A 550 14.40 -0.47 65.53
C ASP A 550 14.08 -1.92 65.18
N CYS A 551 13.34 -2.57 66.08
CA CYS A 551 12.83 -3.93 65.92
C CYS A 551 12.39 -4.29 64.50
N PRO A 552 13.17 -5.15 63.81
CA PRO A 552 12.89 -5.60 62.44
C PRO A 552 11.58 -6.35 62.29
N LEU A 553 11.09 -6.94 63.36
CA LEU A 553 9.82 -7.63 63.34
C LEU A 553 8.68 -6.75 62.84
N ASN A 554 8.78 -5.45 63.12
CA ASN A 554 7.76 -4.50 62.68
C ASN A 554 7.68 -4.37 61.16
N LEU A 555 8.66 -4.94 60.47
CA LEU A 555 8.68 -5.00 59.00
C LEU A 555 7.56 -5.86 58.44
N LEU A 556 7.02 -6.75 59.29
CA LEU A 556 5.99 -7.69 58.88
C LEU A 556 4.59 -7.18 59.20
N ASN A 557 4.49 -5.93 59.63
CA ASN A 557 3.21 -5.30 59.96
C ASN A 557 2.36 -4.93 58.74
N GLY A 558 2.75 -5.45 57.57
CA GLY A 558 2.03 -5.20 56.32
C GLY A 558 1.56 -6.48 55.67
N ASN A 559 1.32 -6.43 54.36
CA ASN A 559 0.84 -7.58 53.59
C ASN A 559 1.97 -8.49 53.07
N GLN A 560 3.13 -8.38 53.72
CA GLN A 560 4.34 -9.13 53.37
C GLN A 560 4.11 -10.64 53.30
N VAL A 561 4.28 -11.19 52.10
CA VAL A 561 4.05 -12.62 51.87
C VAL A 561 5.31 -13.40 51.56
N LYS A 562 6.34 -12.71 51.07
CA LYS A 562 7.60 -13.36 50.65
C LYS A 562 8.16 -14.22 51.79
N PRO A 563 8.18 -15.55 51.61
CA PRO A 563 8.49 -16.47 52.71
C PRO A 563 9.92 -16.39 53.21
N THR A 564 10.84 -16.06 52.30
CA THR A 564 12.25 -16.02 52.63
C THR A 564 12.59 -14.78 53.47
N PHE A 565 11.83 -13.70 53.25
CA PHE A 565 11.97 -12.45 53.99
C PHE A 565 11.49 -12.63 55.43
N ILE A 566 10.31 -13.21 55.58
CA ILE A 566 9.73 -13.51 56.88
C ILE A 566 10.72 -14.31 57.74
N HIS A 567 11.25 -15.38 57.17
CA HIS A 567 12.20 -16.23 57.86
C HIS A 567 13.43 -15.45 58.31
N ASN A 568 13.92 -14.58 57.43
CA ASN A 568 15.10 -13.76 57.71
C ASN A 568 14.85 -12.75 58.83
N VAL A 569 13.67 -12.13 58.82
CA VAL A 569 13.32 -11.19 59.86
C VAL A 569 13.31 -11.90 61.21
N LEU A 570 12.61 -13.03 61.27
CA LEU A 570 12.51 -13.84 62.47
C LEU A 570 13.88 -14.29 62.99
N VAL A 571 14.72 -14.79 62.11
CA VAL A 571 16.02 -15.31 62.52
C VAL A 571 16.95 -14.19 62.99
N VAL A 572 16.97 -13.06 62.27
CA VAL A 572 17.84 -11.96 62.67
C VAL A 572 17.43 -11.42 64.04
N CYS A 573 16.12 -11.31 64.26
CA CYS A 573 15.61 -10.86 65.55
C CYS A 573 16.03 -11.79 66.67
N ASP A 574 15.81 -13.08 66.47
CA ASP A 574 16.17 -14.07 67.46
C ASP A 574 17.67 -14.00 67.78
N LYS A 575 18.50 -13.83 66.75
CA LYS A 575 19.94 -13.75 66.95
C LYS A 575 20.37 -12.48 67.68
N ILE A 576 19.67 -11.38 67.43
CA ILE A 576 19.92 -10.13 68.15
C ILE A 576 19.60 -10.28 69.64
N LEU A 577 18.46 -10.89 69.97
CA LEU A 577 18.07 -11.07 71.37
C LEU A 577 18.89 -12.11 72.12
N GLU A 578 19.54 -13.01 71.40
CA GLU A 578 20.53 -13.89 71.98
C GLU A 578 21.70 -13.12 72.62
N HIS A 579 22.08 -11.99 72.02
CA HIS A 579 23.23 -11.24 72.51
C HIS A 579 22.88 -9.89 73.15
N CYS A 580 21.69 -9.38 72.86
CA CYS A 580 21.21 -8.15 73.50
C CYS A 580 19.79 -8.38 74.00
N PRO A 581 19.62 -9.23 75.03
CA PRO A 581 18.32 -9.65 75.58
C PRO A 581 17.36 -8.51 75.89
N THR A 582 17.87 -7.41 76.48
CA THR A 582 17.02 -6.33 76.99
C THR A 582 16.21 -5.57 75.93
N ARG A 583 16.64 -5.67 74.68
CA ARG A 583 15.93 -5.05 73.55
C ARG A 583 14.55 -5.63 73.41
N ALA A 584 14.40 -6.86 73.88
CA ALA A 584 13.12 -7.56 73.86
C ALA A 584 12.06 -6.81 74.64
N ASP A 585 12.48 -6.17 75.73
CA ASP A 585 11.57 -5.40 76.56
C ASP A 585 11.46 -3.99 76.03
N ILE A 586 12.48 -3.55 75.28
CA ILE A 586 12.50 -2.21 74.72
C ILE A 586 11.71 -2.10 73.42
N TRP A 587 11.77 -3.14 72.60
CA TRP A 587 10.99 -3.22 71.37
C TRP A 587 9.50 -3.29 71.64
N THR A 588 8.72 -2.85 70.66
CA THR A 588 7.27 -2.92 70.73
C THR A 588 6.76 -3.72 69.51
N ILE A 589 6.32 -4.95 69.77
CA ILE A 589 5.91 -5.84 68.70
C ILE A 589 4.40 -6.05 68.63
N ASP A 590 3.96 -6.60 67.50
CA ASP A 590 2.60 -7.07 67.32
C ASP A 590 2.59 -8.54 67.76
N ARG A 591 2.29 -8.76 69.04
CA ARG A 591 2.34 -10.09 69.62
C ARG A 591 1.35 -11.10 69.01
N PRO A 592 0.07 -10.69 68.80
CA PRO A 592 -0.83 -11.53 68.02
C PRO A 592 -0.21 -12.03 66.71
N MET A 593 0.31 -11.12 65.89
CA MET A 593 0.94 -11.50 64.62
C MET A 593 2.04 -12.52 64.82
N LEU A 594 2.91 -12.30 65.80
CA LEU A 594 4.00 -13.21 66.07
C LEU A 594 3.48 -14.57 66.53
N GLU A 595 2.47 -14.56 67.40
CA GLU A 595 1.82 -15.79 67.84
C GLU A 595 1.08 -16.46 66.69
N GLY A 596 0.60 -15.64 65.75
CA GLY A 596 0.02 -16.13 64.50
C GLY A 596 1.02 -16.94 63.69
N LEU A 597 2.21 -16.39 63.49
CA LEU A 597 3.25 -17.03 62.66
C LEU A 597 3.75 -18.37 63.23
N THR A 598 3.35 -18.68 64.46
CA THR A 598 3.71 -19.93 65.12
C THR A 598 3.05 -21.11 64.43
N ASN A 599 1.89 -20.84 63.80
CA ASN A 599 1.09 -21.86 63.13
C ASN A 599 1.16 -21.71 61.61
N HIS A 600 2.34 -21.35 61.11
CA HIS A 600 2.53 -21.13 59.68
C HIS A 600 2.76 -22.43 58.93
N ARG A 601 2.24 -22.47 57.70
CA ARG A 601 2.39 -23.59 56.77
C ARG A 601 3.86 -24.02 56.63
N ASN A 602 4.74 -23.04 56.40
CA ASN A 602 6.17 -23.27 56.34
C ASN A 602 6.69 -23.72 57.70
N SER A 603 7.43 -24.82 57.71
CA SER A 603 7.93 -25.40 58.96
C SER A 603 9.09 -24.59 59.55
N ASP A 604 9.90 -23.98 58.69
CA ASP A 604 11.01 -23.14 59.13
C ASP A 604 10.54 -21.84 59.78
N ILE A 605 9.57 -21.18 59.15
CA ILE A 605 8.99 -19.95 59.68
C ILE A 605 8.35 -20.23 61.03
N ALA A 606 7.53 -21.27 61.09
CA ALA A 606 6.84 -21.67 62.32
C ALA A 606 7.80 -21.95 63.46
N LYS A 607 8.91 -22.62 63.17
CA LYS A 607 9.90 -22.96 64.18
C LYS A 607 10.58 -21.71 64.76
N ALA A 608 11.07 -20.84 63.88
CA ALA A 608 11.78 -19.63 64.28
C ALA A 608 10.88 -18.63 64.99
N ALA A 609 9.61 -18.61 64.60
CA ALA A 609 8.62 -17.72 65.22
C ALA A 609 8.41 -18.01 66.70
N ASN A 610 8.33 -19.28 67.10
CA ASN A 610 8.22 -19.56 68.54
C ASN A 610 9.55 -19.62 69.30
N SER A 611 10.67 -19.67 68.57
CA SER A 611 11.95 -19.40 69.21
C SER A 611 11.93 -17.95 69.67
N LEU A 612 11.48 -17.06 68.76
CA LEU A 612 11.44 -15.63 69.01
C LEU A 612 10.40 -15.25 70.05
N LEU A 613 9.24 -15.91 69.99
CA LEU A 613 8.16 -15.62 70.93
C LEU A 613 8.56 -15.88 72.38
N SER A 614 9.37 -16.91 72.58
CA SER A 614 9.89 -17.25 73.90
C SER A 614 10.77 -16.17 74.50
N ARG A 615 11.32 -15.29 73.65
CA ARG A 615 12.23 -14.23 74.10
C ARG A 615 11.48 -13.08 74.74
N PHE A 616 10.18 -13.02 74.49
CA PHE A 616 9.41 -11.85 74.87
C PHE A 616 8.76 -11.92 76.26
N PRO A 617 8.70 -10.76 76.95
CA PRO A 617 8.03 -10.71 78.25
C PRO A 617 6.64 -11.34 78.16
N GLU A 618 6.42 -12.35 79.00
CA GLU A 618 5.12 -12.99 79.16
C GLU A 618 4.00 -11.96 79.35
N ASN A 619 4.29 -10.92 80.14
CA ASN A 619 3.32 -9.87 80.50
C ASN A 619 2.71 -9.16 79.30
N MET B 1 -11.26 -40.55 23.71
CA MET B 1 -10.59 -39.23 23.95
C MET B 1 -11.52 -38.08 23.56
N ASN B 2 -11.10 -36.86 23.91
CA ASN B 2 -11.73 -35.65 23.39
C ASN B 2 -11.29 -35.41 21.96
N ILE B 3 -12.22 -34.90 21.14
CA ILE B 3 -11.94 -34.62 19.72
C ILE B 3 -10.61 -33.91 19.46
N THR B 4 -10.24 -32.98 20.33
CA THR B 4 -9.02 -32.19 20.21
C THR B 4 -7.75 -33.04 20.42
N GLN B 5 -7.76 -33.85 21.48
CA GLN B 5 -6.61 -34.71 21.80
C GLN B 5 -6.45 -35.84 20.79
N ALA B 6 -7.57 -36.40 20.35
CA ALA B 6 -7.59 -37.44 19.33
C ALA B 6 -7.01 -36.93 18.02
N ALA B 7 -7.46 -35.74 17.61
CA ALA B 7 -6.92 -35.06 16.42
C ALA B 7 -5.42 -34.78 16.55
N GLU B 8 -5.01 -34.24 17.70
CA GLU B 8 -3.61 -33.95 17.96
C GLU B 8 -2.77 -35.22 17.83
N GLN B 9 -3.26 -36.33 18.39
CA GLN B 9 -2.62 -37.63 18.28
C GLN B 9 -2.60 -38.10 16.81
N ALA B 10 -3.72 -37.90 16.12
CA ALA B 10 -3.87 -38.24 14.71
C ALA B 10 -2.85 -37.49 13.83
N ILE B 11 -2.77 -36.17 14.04
CA ILE B 11 -1.83 -35.31 13.35
C ILE B 11 -0.38 -35.67 13.70
N ARG B 12 -0.15 -35.98 14.98
CA ARG B 12 1.20 -36.30 15.47
C ARG B 12 1.72 -37.63 14.93
N LEU B 13 0.84 -38.62 14.83
CA LEU B 13 1.27 -39.99 14.51
C LEU B 13 1.13 -40.41 13.05
N TRP B 14 0.44 -39.61 12.24
CA TRP B 14 0.15 -39.95 10.83
C TRP B 14 1.32 -40.64 10.12
N PHE B 15 2.50 -40.03 10.14
CA PHE B 15 3.65 -40.52 9.38
C PHE B 15 4.36 -41.71 10.02
N ASN B 16 3.96 -42.06 11.23
CA ASN B 16 4.42 -43.27 11.90
C ASN B 16 3.45 -44.43 11.69
N THR B 17 2.28 -44.12 11.13
CA THR B 17 1.18 -45.07 11.00
C THR B 17 0.87 -45.39 9.52
N PRO B 18 1.68 -46.26 8.87
CA PRO B 18 1.43 -46.50 7.45
C PRO B 18 0.36 -47.56 7.20
N ASP B 19 -0.43 -47.87 8.22
CA ASP B 19 -1.56 -48.78 8.09
C ASP B 19 -2.79 -48.05 7.53
N PRO B 20 -3.21 -48.42 6.30
CA PRO B 20 -4.30 -47.78 5.58
C PRO B 20 -5.53 -47.49 6.43
N MET B 21 -6.00 -48.49 7.17
CA MET B 21 -7.27 -48.36 7.90
C MET B 21 -7.19 -47.42 9.10
N GLN B 22 -5.99 -47.26 9.65
CA GLN B 22 -5.77 -46.29 10.71
C GLN B 22 -5.68 -44.87 10.12
N ARG B 23 -5.11 -44.78 8.92
CA ARG B 23 -5.07 -43.53 8.15
C ARG B 23 -6.47 -43.00 7.86
N LEU B 24 -7.38 -43.89 7.45
CA LEU B 24 -8.75 -43.52 7.15
C LEU B 24 -9.50 -43.02 8.38
N HIS B 25 -9.33 -43.70 9.52
CA HIS B 25 -9.92 -43.25 10.77
C HIS B 25 -9.25 -41.95 11.20
N MET B 26 -7.95 -41.87 10.95
CA MET B 26 -7.14 -40.71 11.26
C MET B 26 -7.61 -39.47 10.50
N ALA B 27 -7.89 -39.65 9.21
CA ALA B 27 -8.39 -38.56 8.36
C ALA B 27 -9.78 -38.09 8.78
N LYS B 28 -10.63 -39.04 9.19
CA LYS B 28 -11.95 -38.70 9.73
C LYS B 28 -11.82 -37.91 11.02
N THR B 29 -10.87 -38.34 11.86
CA THR B 29 -10.57 -37.69 13.13
C THR B 29 -10.20 -36.21 12.94
N ILE B 30 -9.20 -35.97 12.08
CA ILE B 30 -8.75 -34.60 11.77
C ILE B 30 -9.87 -33.74 11.18
N ARG B 31 -10.69 -34.34 10.32
CA ARG B 31 -11.79 -33.63 9.65
C ARG B 31 -12.86 -33.17 10.62
N THR B 32 -13.19 -34.01 11.61
CA THR B 32 -14.23 -33.70 12.59
C THR B 32 -13.78 -32.58 13.54
N TRP B 33 -12.49 -32.62 13.89
CA TRP B 33 -11.88 -31.57 14.69
C TRP B 33 -11.97 -30.22 13.99
N ILE B 34 -11.65 -30.21 12.70
CA ILE B 34 -11.72 -29.00 11.87
C ILE B 34 -13.16 -28.56 11.62
N ARG B 35 -14.08 -29.52 11.54
CA ARG B 35 -15.50 -29.20 11.37
C ARG B 35 -16.09 -28.49 12.59
N GLN B 36 -15.63 -28.87 13.77
CA GLN B 36 -16.14 -28.34 15.03
C GLN B 36 -15.30 -27.17 15.56
N ASP B 37 -14.09 -27.48 16.03
CA ASP B 37 -13.21 -26.51 16.72
C ASP B 37 -12.85 -25.27 15.90
N LYS B 38 -12.80 -25.43 14.58
CA LYS B 38 -12.40 -24.35 13.65
C LYS B 38 -11.08 -23.67 14.04
N PHE B 39 -10.14 -24.49 14.52
CA PHE B 39 -8.78 -24.06 14.91
C PHE B 39 -8.72 -23.08 16.09
N ALA B 40 -9.86 -22.55 16.51
CA ALA B 40 -9.96 -21.51 17.56
C ALA B 40 -9.05 -21.75 18.77
N GLN B 41 -8.85 -23.02 19.14
CA GLN B 41 -8.00 -23.39 20.26
C GLN B 41 -6.51 -23.30 19.97
N VAL B 42 -6.13 -23.57 18.72
CA VAL B 42 -4.70 -23.62 18.33
C VAL B 42 -4.00 -22.27 18.57
N ASP B 43 -2.74 -22.36 18.98
CA ASP B 43 -1.90 -21.19 19.25
C ASP B 43 -1.57 -20.45 17.95
N GLN B 44 -1.91 -19.17 17.89
CA GLN B 44 -1.72 -18.34 16.69
C GLN B 44 -0.30 -18.41 16.10
N ALA B 45 0.70 -18.60 16.96
CA ALA B 45 2.10 -18.67 16.54
C ALA B 45 2.49 -20.00 15.91
N ASN B 46 1.71 -21.05 16.18
CA ASN B 46 1.96 -22.38 15.60
C ASN B 46 1.15 -22.71 14.33
N MET B 47 0.23 -21.81 13.98
CA MET B 47 -0.61 -21.95 12.78
C MET B 47 0.17 -22.26 11.50
N PRO B 48 1.19 -21.43 11.15
CA PRO B 48 2.02 -21.74 9.97
C PRO B 48 2.64 -23.15 9.95
N ASN B 49 2.54 -23.87 11.06
CA ASN B 49 3.11 -25.21 11.15
C ASN B 49 2.04 -26.28 11.24
N CYS B 50 0.99 -25.97 11.98
CA CYS B 50 -0.18 -26.83 12.12
C CYS B 50 -0.82 -27.05 10.74
N VAL B 51 -1.04 -25.95 10.01
CA VAL B 51 -1.56 -25.97 8.65
C VAL B 51 -0.67 -26.77 7.70
N GLN B 52 0.63 -26.49 7.69
CA GLN B 52 1.54 -27.18 6.78
C GLN B 52 1.58 -28.69 7.03
N GLN B 53 1.44 -29.07 8.30
CA GLN B 53 1.40 -30.46 8.72
C GLN B 53 0.20 -31.17 8.12
N ILE B 54 -0.96 -30.55 8.29
CA ILE B 54 -2.20 -31.02 7.67
C ILE B 54 -2.06 -31.14 6.13
N LEU B 55 -1.54 -30.07 5.50
CA LEU B 55 -1.36 -30.05 4.05
C LEU B 55 -0.44 -31.17 3.58
N ASN B 56 0.58 -31.50 4.37
CA ASN B 56 1.45 -32.62 4.04
C ASN B 56 0.73 -33.97 4.19
N ILE B 57 -0.11 -34.08 5.21
CA ILE B 57 -0.92 -35.28 5.40
C ILE B 57 -1.84 -35.47 4.19
N ILE B 58 -2.54 -34.39 3.83
CA ILE B 58 -3.42 -34.36 2.66
C ILE B 58 -2.62 -34.78 1.44
N TYR B 59 -1.50 -34.13 1.20
CA TYR B 59 -0.64 -34.49 0.08
C TYR B 59 -0.23 -35.97 0.18
N ASP B 60 0.14 -36.41 1.38
CA ASP B 60 0.56 -37.79 1.61
C ASP B 60 -0.58 -38.78 1.32
N GLY B 61 -1.76 -38.47 1.84
CA GLY B 61 -2.95 -39.30 1.64
C GLY B 61 -3.38 -39.53 0.20
N LEU B 62 -3.23 -38.50 -0.65
CA LEU B 62 -3.65 -38.57 -2.06
C LEU B 62 -2.71 -39.38 -2.95
N LYS B 63 -1.48 -39.60 -2.48
CA LYS B 63 -0.52 -40.43 -3.20
C LYS B 63 -0.99 -41.89 -3.21
N PRO B 64 -0.67 -42.63 -4.30
CA PRO B 64 -1.12 -44.02 -4.38
C PRO B 64 -0.19 -44.94 -3.58
N GLN B 65 -0.72 -45.50 -2.50
CA GLN B 65 0.04 -46.36 -1.60
C GLN B 65 0.55 -47.63 -2.30
N PRO B 66 1.69 -48.19 -1.83
CA PRO B 66 2.43 -49.22 -2.56
C PRO B 66 1.54 -50.38 -2.99
N VAL B 67 0.77 -50.90 -2.04
CA VAL B 67 -0.09 -52.06 -2.21
C VAL B 67 -1.26 -51.84 -3.18
N GLN B 68 -2.12 -52.86 -3.30
CA GLN B 68 -3.37 -52.75 -4.04
C GLN B 68 -4.54 -52.63 -3.07
N LEU B 69 -5.30 -51.54 -3.21
CA LEU B 69 -6.49 -51.28 -2.41
C LEU B 69 -7.68 -50.94 -3.32
N PRO B 70 -8.92 -51.14 -2.83
CA PRO B 70 -10.10 -50.92 -3.67
C PRO B 70 -10.43 -49.44 -3.85
N ILE B 71 -10.92 -49.07 -5.03
CA ILE B 71 -11.29 -47.69 -5.33
C ILE B 71 -12.25 -47.12 -4.27
N SER B 72 -13.07 -48.00 -3.68
CA SER B 72 -13.97 -47.63 -2.58
C SER B 72 -13.23 -47.06 -1.37
N TYR B 73 -12.01 -47.55 -1.12
CA TYR B 73 -11.21 -47.07 0.00
C TYR B 73 -10.68 -45.65 -0.24
N TYR B 74 -9.96 -45.48 -1.35
CA TYR B 74 -9.38 -44.20 -1.72
C TYR B 74 -10.46 -43.11 -1.78
N ALA B 75 -11.60 -43.45 -2.36
CA ALA B 75 -12.70 -42.51 -2.48
C ALA B 75 -13.14 -41.99 -1.12
N GLN B 76 -13.15 -42.86 -0.12
CA GLN B 76 -13.56 -42.47 1.22
C GLN B 76 -12.49 -41.60 1.90
N LEU B 77 -11.22 -42.01 1.77
CA LEU B 77 -10.08 -41.30 2.33
C LEU B 77 -10.00 -39.91 1.72
N TRP B 78 -9.85 -39.89 0.41
CA TRP B 78 -9.77 -38.67 -0.37
C TRP B 78 -10.95 -37.72 -0.12
N TYR B 79 -12.14 -38.26 0.04
CA TYR B 79 -13.26 -37.38 0.34
C TYR B 79 -13.02 -36.62 1.64
N ASN B 80 -12.46 -37.28 2.64
CA ASN B 80 -12.22 -36.67 3.94
C ASN B 80 -11.14 -35.60 3.81
N LEU B 81 -10.02 -36.00 3.22
CA LEU B 81 -8.88 -35.12 2.98
C LEU B 81 -9.19 -33.90 2.09
N LEU B 82 -9.95 -34.11 1.03
CA LEU B 82 -10.34 -33.03 0.14
C LEU B 82 -11.32 -32.11 0.83
N ASP B 83 -12.11 -32.66 1.74
CA ASP B 83 -13.03 -31.81 2.47
C ASP B 83 -12.28 -30.85 3.37
N ILE B 84 -11.18 -31.32 3.96
CA ILE B 84 -10.33 -30.46 4.77
C ILE B 84 -9.71 -29.39 3.89
N LEU B 85 -9.11 -29.82 2.78
CA LEU B 85 -8.49 -28.93 1.82
C LEU B 85 -9.44 -27.81 1.42
N ARG B 86 -10.67 -28.18 1.07
CA ARG B 86 -11.70 -27.24 0.70
C ARG B 86 -11.99 -26.23 1.80
N ARG B 87 -12.17 -26.73 3.02
CA ARG B 87 -12.43 -25.85 4.17
C ARG B 87 -11.27 -24.87 4.39
N PHE B 88 -10.04 -25.36 4.18
CA PHE B 88 -8.84 -24.52 4.21
C PHE B 88 -8.87 -23.36 3.22
N THR B 89 -9.71 -23.46 2.20
CA THR B 89 -9.78 -22.43 1.16
C THR B 89 -10.87 -21.38 1.38
N PHE B 90 -11.73 -21.58 2.40
CA PHE B 90 -12.73 -20.56 2.70
C PHE B 90 -12.81 -20.14 4.18
N LEU B 91 -12.16 -20.90 5.06
CA LEU B 91 -12.30 -20.71 6.50
C LEU B 91 -11.54 -19.45 6.96
N PRO B 92 -12.28 -18.44 7.47
CA PRO B 92 -11.70 -17.13 7.81
C PRO B 92 -10.39 -17.21 8.60
N ILE B 93 -10.26 -18.24 9.44
CA ILE B 93 -9.11 -18.41 10.32
C ILE B 93 -7.86 -18.88 9.56
N ILE B 94 -8.06 -19.55 8.42
CA ILE B 94 -6.94 -20.06 7.62
C ILE B 94 -6.45 -19.04 6.59
N SER B 95 -7.32 -18.08 6.24
CA SER B 95 -7.01 -17.11 5.18
C SER B 95 -5.60 -16.49 5.20
N PRO B 96 -5.07 -16.10 6.39
CA PRO B 96 -3.69 -15.60 6.43
C PRO B 96 -2.63 -16.57 5.88
N TYR B 97 -2.96 -17.87 5.86
CA TYR B 97 -1.99 -18.90 5.51
C TYR B 97 -2.29 -19.53 4.15
N ILE B 98 -3.23 -18.92 3.42
CA ILE B 98 -3.65 -19.42 2.12
C ILE B 98 -2.50 -19.55 1.12
N HIS B 99 -1.42 -18.80 1.34
CA HIS B 99 -0.26 -18.89 0.46
C HIS B 99 0.40 -20.27 0.57
N GLN B 100 0.24 -20.90 1.74
CA GLN B 100 0.72 -22.28 1.95
C GLN B 100 -0.12 -23.26 1.14
N VAL B 101 -1.44 -23.05 1.15
CA VAL B 101 -2.36 -23.80 0.28
C VAL B 101 -1.97 -23.68 -1.20
N VAL B 102 -1.75 -22.45 -1.67
CA VAL B 102 -1.30 -22.19 -3.04
C VAL B 102 0.09 -22.78 -3.33
N GLN B 103 1.01 -22.64 -2.38
CA GLN B 103 2.37 -23.21 -2.52
C GLN B 103 2.36 -24.71 -2.79
N MET B 104 1.34 -25.40 -2.32
CA MET B 104 1.19 -26.85 -2.54
C MET B 104 1.11 -27.21 -4.02
N PHE B 105 0.48 -26.35 -4.80
CA PHE B 105 0.29 -26.61 -6.23
C PHE B 105 1.59 -26.49 -7.03
N CYS B 106 2.50 -25.66 -6.52
CA CYS B 106 3.83 -25.49 -7.12
C CYS B 106 4.49 -26.81 -7.55
N PRO B 107 4.90 -26.90 -8.82
CA PRO B 107 5.56 -28.11 -9.30
C PRO B 107 6.94 -28.30 -8.66
N ARG B 108 7.42 -29.54 -8.64
CA ARG B 108 8.75 -29.86 -8.13
C ARG B 108 9.42 -30.94 -8.99
N GLU B 109 8.73 -32.06 -9.15
CA GLU B 109 9.24 -33.20 -9.93
C GLU B 109 8.96 -33.11 -11.43
N ASN B 110 7.93 -32.35 -11.82
CA ASN B 110 7.43 -32.27 -13.21
C ASN B 110 6.87 -33.59 -13.76
N GLY B 111 6.13 -34.30 -12.91
CA GLY B 111 5.46 -35.56 -13.27
C GLY B 111 4.23 -35.78 -12.40
N PRO B 112 3.66 -37.01 -12.44
CA PRO B 112 2.45 -37.35 -11.68
C PRO B 112 2.67 -37.69 -10.18
N GLN B 113 3.69 -37.12 -9.56
CA GLN B 113 3.88 -37.24 -8.12
C GLN B 113 3.68 -35.88 -7.44
N ASP B 114 3.73 -34.83 -8.26
CA ASP B 114 3.46 -33.46 -7.82
C ASP B 114 2.01 -33.34 -7.39
N PHE B 115 1.79 -32.59 -6.30
CA PHE B 115 0.46 -32.31 -5.78
C PHE B 115 -0.55 -31.92 -6.87
N ARG B 116 -0.19 -30.94 -7.70
CA ARG B 116 -1.09 -30.43 -8.73
C ARG B 116 -1.59 -31.53 -9.68
N GLU B 117 -0.74 -32.50 -9.97
CA GLU B 117 -1.15 -33.59 -10.85
C GLU B 117 -2.04 -34.63 -10.17
N LEU B 118 -2.00 -34.70 -8.85
CA LEU B 118 -2.90 -35.57 -8.12
C LEU B 118 -4.27 -34.92 -8.02
N ILE B 119 -4.29 -33.59 -7.87
CA ILE B 119 -5.53 -32.81 -7.88
C ILE B 119 -6.20 -32.89 -9.26
N CYS B 120 -5.42 -32.64 -10.31
CA CYS B 120 -5.90 -32.66 -11.69
C CYS B 120 -6.46 -34.02 -12.11
N ASN B 121 -5.86 -35.10 -11.62
CA ASN B 121 -6.33 -36.43 -12.00
C ASN B 121 -7.74 -36.72 -11.52
N LEU B 122 -8.10 -36.15 -10.37
CA LEU B 122 -9.41 -36.36 -9.77
C LEU B 122 -10.58 -35.71 -10.52
N ILE B 123 -10.29 -34.72 -11.36
CA ILE B 123 -11.34 -34.11 -12.18
C ILE B 123 -11.36 -34.64 -13.60
N SER B 124 -10.56 -35.67 -13.85
CA SER B 124 -10.66 -36.39 -15.09
C SER B 124 -12.13 -36.74 -15.34
N LEU B 125 -12.51 -36.71 -16.62
CA LEU B 125 -13.88 -37.02 -17.01
C LEU B 125 -14.30 -38.43 -16.59
N ASN B 126 -13.41 -39.41 -16.76
CA ASN B 126 -13.78 -40.81 -16.50
C ASN B 126 -14.22 -41.10 -15.06
N TRP B 127 -13.66 -40.36 -14.10
CA TRP B 127 -14.09 -40.42 -12.71
C TRP B 127 -15.54 -40.03 -12.46
N GLN B 128 -16.13 -39.25 -13.37
CA GLN B 128 -17.53 -38.85 -13.26
C GLN B 128 -18.46 -40.02 -13.58
N LYS B 129 -17.89 -41.06 -14.20
CA LYS B 129 -18.64 -42.28 -14.48
C LYS B 129 -18.44 -43.35 -13.37
N ASP B 130 -17.68 -43.01 -12.34
CA ASP B 130 -17.49 -43.89 -11.17
C ASP B 130 -18.37 -43.43 -10.02
N PRO B 131 -19.13 -44.38 -9.42
CA PRO B 131 -20.15 -44.02 -8.41
C PRO B 131 -19.58 -43.62 -7.05
N HIS B 132 -18.29 -43.85 -6.84
CA HIS B 132 -17.62 -43.40 -5.62
C HIS B 132 -16.83 -42.12 -5.86
N MET B 133 -16.05 -42.11 -6.93
CA MET B 133 -15.06 -41.07 -7.17
C MET B 133 -15.60 -39.77 -7.76
N LYS B 134 -16.85 -39.77 -8.20
CA LYS B 134 -17.44 -38.56 -8.76
C LYS B 134 -17.59 -37.48 -7.69
N HIS B 135 -17.73 -37.90 -6.44
CA HIS B 135 -17.85 -36.95 -5.35
C HIS B 135 -16.54 -36.27 -4.98
N CYS B 136 -15.41 -36.90 -5.29
CA CYS B 136 -14.12 -36.28 -5.10
C CYS B 136 -13.90 -35.20 -6.16
N ALA B 137 -14.25 -35.53 -7.40
CA ALA B 137 -14.26 -34.58 -8.50
C ALA B 137 -14.99 -33.33 -8.06
N ASN B 138 -16.21 -33.50 -7.58
CA ASN B 138 -17.06 -32.37 -7.26
C ASN B 138 -16.45 -31.51 -6.19
N GLN B 139 -15.62 -32.12 -5.36
CA GLN B 139 -14.92 -31.41 -4.30
C GLN B 139 -13.72 -30.63 -4.81
N VAL B 140 -12.95 -31.23 -5.72
CA VAL B 140 -11.84 -30.53 -6.35
C VAL B 140 -12.34 -29.29 -7.10
N PHE B 141 -13.48 -29.40 -7.79
CA PHE B 141 -14.09 -28.27 -8.48
C PHE B 141 -14.44 -27.16 -7.50
N GLN B 142 -14.97 -27.53 -6.33
CA GLN B 142 -15.26 -26.54 -5.29
C GLN B 142 -13.99 -25.87 -4.77
N ILE B 143 -12.89 -26.63 -4.73
CA ILE B 143 -11.59 -26.12 -4.27
C ILE B 143 -11.04 -25.07 -5.23
N PHE B 144 -10.98 -25.39 -6.52
CA PHE B 144 -10.62 -24.40 -7.53
C PHE B 144 -11.53 -23.17 -7.45
N ASN B 145 -12.82 -23.43 -7.30
CA ASN B 145 -13.79 -22.35 -7.22
C ASN B 145 -13.51 -21.43 -6.06
N CYS B 146 -13.23 -22.00 -4.89
CA CYS B 146 -12.97 -21.21 -3.69
C CYS B 146 -11.68 -20.41 -3.79
N ILE B 147 -10.62 -21.02 -4.31
CA ILE B 147 -9.35 -20.34 -4.49
C ILE B 147 -9.48 -19.20 -5.51
N ILE B 148 -10.03 -19.51 -6.68
CA ILE B 148 -10.18 -18.52 -7.73
C ILE B 148 -11.10 -17.36 -7.32
N MET B 149 -12.19 -17.67 -6.65
CA MET B 149 -13.14 -16.63 -6.25
C MET B 149 -12.75 -15.95 -4.95
N GLY B 150 -11.77 -16.53 -4.24
CA GLY B 150 -11.50 -16.14 -2.86
C GLY B 150 -10.29 -15.27 -2.62
N VAL B 151 -9.14 -15.68 -3.16
CA VAL B 151 -7.89 -14.96 -2.89
C VAL B 151 -7.81 -13.62 -3.66
N LYS B 152 -7.54 -12.55 -2.91
CA LYS B 152 -7.50 -11.20 -3.46
C LYS B 152 -6.08 -10.69 -3.73
N ASN B 153 -5.08 -11.34 -3.13
CA ASN B 153 -3.69 -10.97 -3.33
C ASN B 153 -3.21 -11.20 -4.75
N GLU B 154 -3.10 -10.12 -5.52
CA GLU B 154 -2.82 -10.20 -6.96
C GLU B 154 -1.53 -10.94 -7.32
N LYS B 155 -0.52 -10.85 -6.46
CA LYS B 155 0.75 -11.53 -6.72
C LYS B 155 0.57 -13.04 -6.59
N LEU B 156 -0.28 -13.45 -5.66
CA LEU B 156 -0.54 -14.85 -5.35
C LEU B 156 -1.40 -15.54 -6.42
N ARG B 157 -2.41 -14.81 -6.90
CA ARG B 157 -3.23 -15.22 -8.04
C ARG B 157 -2.36 -15.55 -9.25
N THR B 158 -1.36 -14.71 -9.50
CA THR B 158 -0.47 -14.87 -10.63
C THR B 158 0.30 -16.18 -10.53
N GLU B 159 0.73 -16.50 -9.32
CA GLU B 159 1.44 -17.75 -9.02
C GLU B 159 0.55 -18.97 -9.23
N PHE B 160 -0.65 -18.92 -8.69
CA PHE B 160 -1.62 -20.00 -8.85
C PHE B 160 -1.89 -20.28 -10.33
N ALA B 161 -2.20 -19.23 -11.09
CA ALA B 161 -2.40 -19.31 -12.54
C ALA B 161 -1.25 -20.00 -13.25
N GLN B 162 -0.03 -19.65 -12.86
CA GLN B 162 1.17 -20.26 -13.43
C GLN B 162 1.26 -21.74 -13.05
N HIS B 163 0.95 -22.06 -11.79
CA HIS B 163 0.96 -23.46 -11.32
C HIS B 163 -0.04 -24.30 -12.12
N LEU B 164 -1.14 -23.67 -12.52
CA LEU B 164 -2.20 -24.34 -13.27
C LEU B 164 -1.86 -24.52 -14.75
N LYS B 165 -0.88 -23.78 -15.23
CA LYS B 165 -0.56 -23.86 -16.64
C LYS B 165 0.39 -25.00 -16.97
N PHE B 166 -0.17 -26.21 -17.09
CA PHE B 166 0.59 -27.38 -17.55
C PHE B 166 -0.29 -28.28 -18.42
N GLU B 167 0.33 -29.00 -19.35
CA GLU B 167 -0.40 -29.75 -20.39
C GLU B 167 -1.51 -30.65 -19.88
N LYS B 168 -1.30 -31.29 -18.72
CA LYS B 168 -2.27 -32.27 -18.23
C LYS B 168 -3.57 -31.65 -17.72
N LEU B 169 -3.49 -30.48 -17.09
CA LEU B 169 -4.72 -29.81 -16.67
C LEU B 169 -5.53 -29.25 -17.86
N VAL B 170 -4.86 -28.65 -18.85
CA VAL B 170 -5.58 -28.08 -20.00
C VAL B 170 -6.18 -29.16 -20.88
N GLY B 171 -5.51 -30.31 -20.94
CA GLY B 171 -6.08 -31.50 -21.54
C GLY B 171 -7.32 -31.98 -20.81
N THR B 172 -7.20 -32.12 -19.49
CA THR B 172 -8.31 -32.60 -18.65
C THR B 172 -9.54 -31.72 -18.79
N LEU B 173 -9.32 -30.40 -18.76
CA LEU B 173 -10.41 -29.44 -18.93
C LEU B 173 -11.10 -29.55 -20.30
N SER B 174 -10.30 -29.54 -21.39
CA SER B 174 -10.84 -29.64 -22.76
C SER B 174 -11.70 -30.88 -22.95
N GLU B 175 -11.28 -31.98 -22.36
CA GLU B 175 -11.95 -33.28 -22.50
C GLU B 175 -13.44 -33.22 -22.15
N TYR B 176 -13.82 -32.27 -21.30
CA TYR B 176 -15.24 -32.03 -20.97
C TYR B 176 -15.98 -31.37 -22.13
N PHE B 177 -15.24 -30.76 -23.06
CA PHE B 177 -15.84 -30.12 -24.23
C PHE B 177 -15.83 -30.99 -25.49
N ASN B 178 -15.40 -32.25 -25.37
CA ASN B 178 -15.47 -33.16 -26.50
C ASN B 178 -16.90 -33.41 -26.97
N PRO B 179 -17.09 -33.59 -28.30
CA PRO B 179 -18.43 -33.79 -28.85
C PRO B 179 -19.22 -34.97 -28.27
N GLN B 180 -18.55 -36.02 -27.82
CA GLN B 180 -19.32 -37.20 -27.34
C GLN B 180 -19.85 -37.09 -25.89
N VAL B 181 -19.47 -36.02 -25.20
CA VAL B 181 -19.85 -35.81 -23.79
C VAL B 181 -21.19 -35.06 -23.67
N HIS B 182 -22.11 -35.67 -22.93
CA HIS B 182 -23.39 -35.08 -22.60
C HIS B 182 -23.14 -33.79 -21.83
N PRO B 183 -23.80 -32.69 -22.21
CA PRO B 183 -23.50 -31.44 -21.54
C PRO B 183 -23.98 -31.36 -20.09
N GLY B 184 -24.81 -32.30 -19.65
CA GLY B 184 -25.19 -32.41 -18.24
C GLY B 184 -23.99 -32.68 -17.35
N MET B 185 -22.95 -33.28 -17.95
CA MET B 185 -21.69 -33.59 -17.28
C MET B 185 -20.71 -32.40 -17.10
N ILE B 186 -21.05 -31.21 -17.60
CA ILE B 186 -20.10 -30.09 -17.54
C ILE B 186 -20.23 -29.31 -16.24
N ASN B 187 -19.32 -29.57 -15.31
CA ASN B 187 -19.30 -28.81 -14.08
C ASN B 187 -19.02 -27.32 -14.36
N PRO B 188 -19.92 -26.43 -13.89
CA PRO B 188 -19.78 -24.98 -14.05
C PRO B 188 -18.43 -24.41 -13.61
N ALA B 189 -17.74 -25.09 -12.71
CA ALA B 189 -16.42 -24.63 -12.27
C ALA B 189 -15.38 -24.66 -13.39
N ILE B 190 -15.62 -25.50 -14.40
CA ILE B 190 -14.72 -25.58 -15.55
C ILE B 190 -14.61 -24.22 -16.24
N PHE B 191 -15.73 -23.52 -16.36
CA PHE B 191 -15.72 -22.19 -16.94
C PHE B 191 -14.92 -21.23 -16.10
N ILE B 192 -15.15 -21.25 -14.79
CA ILE B 192 -14.42 -20.41 -13.85
C ILE B 192 -12.91 -20.59 -13.99
N ILE B 193 -12.49 -21.84 -14.19
CA ILE B 193 -11.07 -22.16 -14.31
C ILE B 193 -10.53 -21.66 -15.65
N PHE B 194 -11.21 -22.01 -16.74
CA PHE B 194 -10.83 -21.50 -18.06
C PHE B 194 -10.68 -19.98 -18.08
N ARG B 195 -11.66 -19.27 -17.51
CA ARG B 195 -11.59 -17.82 -17.45
C ARG B 195 -10.34 -17.36 -16.71
N PHE B 196 -9.98 -18.08 -15.65
CA PHE B 196 -8.89 -17.71 -14.78
C PHE B 196 -7.52 -17.90 -15.42
N ILE B 197 -7.32 -19.03 -16.09
CA ILE B 197 -6.03 -19.31 -16.73
C ILE B 197 -5.82 -18.49 -18.00
N ILE B 198 -6.92 -18.12 -18.65
CA ILE B 198 -6.92 -17.40 -19.93
C ILE B 198 -6.81 -15.91 -19.69
N SER B 199 -7.23 -15.47 -18.50
CA SER B 199 -7.20 -14.06 -18.14
C SER B 199 -5.82 -13.47 -18.36
N LYS B 200 -5.77 -12.53 -19.31
CA LYS B 200 -4.57 -11.76 -19.63
C LYS B 200 -3.41 -12.65 -20.11
N ASP B 201 -3.76 -13.65 -20.92
CA ASP B 201 -2.77 -14.57 -21.49
C ASP B 201 -3.09 -14.86 -22.95
N THR B 202 -2.93 -13.83 -23.79
CA THR B 202 -3.14 -13.92 -25.24
C THR B 202 -2.66 -15.25 -25.83
N ARG B 203 -1.47 -15.68 -25.43
CA ARG B 203 -0.80 -16.83 -26.06
C ARG B 203 -1.48 -18.16 -25.72
N LEU B 204 -2.15 -18.21 -24.57
CA LEU B 204 -2.90 -19.40 -24.19
C LEU B 204 -4.20 -19.44 -24.99
N LYS B 205 -4.86 -18.29 -25.09
CA LYS B 205 -6.02 -18.10 -25.95
C LYS B 205 -5.78 -18.64 -27.37
N ASP B 206 -4.68 -18.25 -27.98
CA ASP B 206 -4.33 -18.72 -29.32
C ASP B 206 -3.96 -20.20 -29.34
N TYR B 207 -3.56 -20.75 -28.20
CA TYR B 207 -3.27 -22.18 -28.18
C TYR B 207 -4.57 -22.97 -28.09
N PHE B 208 -5.53 -22.45 -27.34
CA PHE B 208 -6.85 -23.07 -27.23
C PHE B 208 -7.64 -23.01 -28.54
N ILE B 209 -7.54 -21.88 -29.25
CA ILE B 209 -8.26 -21.65 -30.50
C ILE B 209 -7.57 -22.41 -31.63
N TRP B 210 -6.28 -22.17 -31.78
CA TRP B 210 -5.55 -22.54 -32.99
C TRP B 210 -4.78 -23.84 -32.89
N ASN B 211 -4.31 -24.16 -31.69
CA ASN B 211 -3.58 -25.42 -31.46
C ASN B 211 -2.36 -25.51 -32.37
N ASN B 212 -1.58 -24.42 -32.41
CA ASN B 212 -0.36 -24.34 -33.25
C ASN B 212 -0.57 -24.23 -34.77
N ASN B 213 -1.79 -24.48 -35.24
CA ASN B 213 -2.14 -24.34 -36.67
C ASN B 213 -2.09 -22.88 -37.17
N PRO B 214 -2.15 -22.69 -38.51
CA PRO B 214 -2.19 -21.32 -39.07
C PRO B 214 -3.59 -20.69 -39.01
N HIS B 215 -3.61 -19.37 -38.85
CA HIS B 215 -4.83 -18.59 -38.60
C HIS B 215 -5.73 -18.35 -39.82
N ASP B 216 -5.22 -18.65 -41.01
CA ASP B 216 -5.99 -18.52 -42.25
C ASP B 216 -6.71 -19.81 -42.61
N GLN B 217 -6.29 -20.89 -41.95
CA GLN B 217 -6.94 -22.19 -42.05
C GLN B 217 -8.24 -22.17 -41.24
N PRO B 218 -9.04 -23.25 -41.33
CA PRO B 218 -10.20 -23.36 -40.45
C PRO B 218 -9.71 -23.67 -39.05
N PRO B 219 -10.32 -23.08 -38.02
CA PRO B 219 -9.88 -23.51 -36.69
C PRO B 219 -9.98 -25.02 -36.61
N PRO B 220 -8.98 -25.67 -35.98
CA PRO B 220 -8.99 -27.12 -35.90
C PRO B 220 -10.08 -27.65 -34.97
N PRO B 221 -10.54 -28.89 -35.21
CA PRO B 221 -11.51 -29.55 -34.34
C PRO B 221 -10.96 -29.86 -32.95
N THR B 222 -9.63 -29.85 -32.81
CA THR B 222 -9.01 -30.07 -31.51
C THR B 222 -9.13 -28.82 -30.64
N GLY B 223 -9.33 -27.67 -31.30
CA GLY B 223 -9.38 -26.37 -30.63
C GLY B 223 -10.76 -26.03 -30.07
N LEU B 224 -10.81 -24.94 -29.30
CA LEU B 224 -12.01 -24.57 -28.57
C LEU B 224 -13.14 -23.93 -29.39
N ILE B 225 -12.83 -23.34 -30.54
CA ILE B 225 -13.90 -22.75 -31.33
C ILE B 225 -14.87 -23.83 -31.78
N ILE B 226 -14.34 -24.91 -32.33
CA ILE B 226 -15.17 -26.02 -32.81
C ILE B 226 -15.86 -26.70 -31.63
N LYS B 227 -15.06 -26.98 -30.60
CA LYS B 227 -15.56 -27.64 -29.39
C LYS B 227 -16.67 -26.84 -28.69
N LEU B 228 -16.49 -25.53 -28.52
CA LEU B 228 -17.50 -24.75 -27.81
C LEU B 228 -18.78 -24.55 -28.62
N ASN B 229 -18.66 -24.48 -29.96
CA ASN B 229 -19.84 -24.40 -30.82
C ASN B 229 -20.70 -25.66 -30.75
N ALA B 230 -20.05 -26.83 -30.68
CA ALA B 230 -20.81 -28.07 -30.53
C ALA B 230 -21.46 -28.14 -29.15
N VAL B 231 -20.80 -27.60 -28.12
CA VAL B 231 -21.38 -27.53 -26.76
C VAL B 231 -22.65 -26.66 -26.67
N MET B 232 -22.58 -25.44 -27.22
CA MET B 232 -23.76 -24.59 -27.42
C MET B 232 -24.89 -25.37 -28.06
N ILE B 233 -24.59 -26.07 -29.15
CA ILE B 233 -25.60 -26.69 -29.99
C ILE B 233 -26.16 -27.94 -29.34
N GLY B 234 -25.28 -28.79 -28.83
CA GLY B 234 -25.67 -29.94 -28.00
C GLY B 234 -26.64 -29.56 -26.88
N SER B 235 -26.31 -28.51 -26.13
CA SER B 235 -27.18 -28.02 -25.08
C SER B 235 -28.49 -27.50 -25.63
N TYR B 236 -28.42 -26.71 -26.71
CA TYR B 236 -29.64 -26.20 -27.33
C TYR B 236 -30.56 -27.35 -27.71
N ARG B 237 -30.00 -28.37 -28.36
CA ARG B 237 -30.80 -29.51 -28.77
C ARG B 237 -31.64 -30.04 -27.62
N LEU B 238 -31.04 -30.14 -26.44
CA LEU B 238 -31.69 -30.77 -25.30
C LEU B 238 -32.73 -29.92 -24.60
N ILE B 239 -32.62 -28.60 -24.75
CA ILE B 239 -33.55 -27.68 -24.10
C ILE B 239 -34.63 -27.17 -25.03
N ALA B 240 -34.43 -27.34 -26.34
CA ALA B 240 -35.25 -26.68 -27.34
C ALA B 240 -36.74 -26.90 -27.12
N GLY B 241 -37.15 -28.15 -26.92
CA GLY B 241 -38.55 -28.44 -26.65
C GLY B 241 -39.07 -27.90 -25.33
N GLN B 242 -38.20 -27.85 -24.31
CA GLN B 242 -38.58 -27.59 -22.91
C GLN B 242 -39.33 -26.28 -22.67
N ASN B 243 -40.46 -26.39 -22.01
CA ASN B 243 -41.27 -25.24 -21.63
C ASN B 243 -40.56 -24.42 -20.56
N PRO B 244 -40.19 -23.17 -20.89
CA PRO B 244 -39.47 -22.28 -19.97
C PRO B 244 -40.21 -22.05 -18.64
N GLU B 245 -41.50 -22.35 -18.61
CA GLU B 245 -42.28 -22.16 -17.37
C GLU B 245 -41.87 -23.13 -16.28
N THR B 246 -41.45 -24.33 -16.67
CA THR B 246 -40.97 -25.35 -15.76
C THR B 246 -39.63 -25.00 -15.10
N LEU B 247 -38.97 -23.96 -15.59
CA LEU B 247 -37.59 -23.63 -15.15
C LEU B 247 -37.35 -23.73 -13.64
N PRO B 248 -38.11 -22.99 -12.81
CA PRO B 248 -37.85 -22.98 -11.36
C PRO B 248 -37.87 -24.36 -10.69
N GLN B 249 -38.51 -25.34 -11.33
CA GLN B 249 -38.56 -26.71 -10.81
C GLN B 249 -37.94 -27.70 -11.79
N ASN B 250 -36.95 -27.22 -12.55
CA ASN B 250 -36.33 -28.00 -13.62
C ASN B 250 -34.81 -27.76 -13.66
N PRO B 251 -34.08 -28.37 -12.70
CA PRO B 251 -32.64 -28.10 -12.52
C PRO B 251 -31.77 -28.46 -13.73
N GLU B 252 -32.16 -29.51 -14.46
CA GLU B 252 -31.44 -29.92 -15.67
C GLU B 252 -31.57 -28.87 -16.76
N LEU B 253 -32.76 -28.28 -16.90
CA LEU B 253 -32.96 -27.18 -17.84
C LEU B 253 -32.16 -25.95 -17.45
N ALA B 254 -32.24 -25.57 -16.18
CA ALA B 254 -31.46 -24.44 -15.65
C ALA B 254 -29.97 -24.62 -15.90
N HIS B 255 -29.50 -25.84 -15.70
CA HIS B 255 -28.10 -26.13 -15.84
C HIS B 255 -27.63 -25.94 -17.29
N LEU B 256 -28.43 -26.45 -18.23
CA LEU B 256 -28.08 -26.35 -19.62
C LEU B 256 -28.15 -24.88 -20.08
N ILE B 257 -29.08 -24.10 -19.53
CA ILE B 257 -29.14 -22.69 -19.91
C ILE B 257 -27.86 -21.99 -19.44
N GLN B 258 -27.39 -22.32 -18.25
CA GLN B 258 -26.16 -21.74 -17.73
C GLN B 258 -24.91 -22.22 -18.51
N VAL B 259 -24.95 -23.45 -19.03
CA VAL B 259 -23.85 -23.95 -19.86
C VAL B 259 -23.70 -23.14 -21.16
N ILE B 260 -24.84 -22.76 -21.73
CA ILE B 260 -24.84 -21.95 -22.94
C ILE B 260 -24.30 -20.52 -22.67
N ILE B 261 -24.84 -19.88 -21.64
CA ILE B 261 -24.43 -18.55 -21.25
C ILE B 261 -22.93 -18.49 -20.99
N ARG B 262 -22.41 -19.50 -20.27
CA ARG B 262 -21.02 -19.51 -19.90
C ARG B 262 -20.14 -19.81 -21.11
N THR B 263 -20.66 -20.59 -22.04
CA THR B 263 -20.00 -20.79 -23.32
C THR B 263 -19.99 -19.48 -24.15
N PHE B 264 -21.11 -18.77 -24.21
CA PHE B 264 -21.14 -17.46 -24.85
C PHE B 264 -20.04 -16.61 -24.26
N ASP B 265 -20.02 -16.50 -22.94
CA ASP B 265 -19.08 -15.67 -22.23
C ASP B 265 -17.61 -16.07 -22.45
N LEU B 266 -17.33 -17.38 -22.47
CA LEU B 266 -15.98 -17.87 -22.69
C LEU B 266 -15.47 -17.59 -24.11
N LEU B 267 -16.34 -17.80 -25.11
CA LEU B 267 -16.05 -17.42 -26.49
C LEU B 267 -15.79 -15.92 -26.58
N GLY B 268 -16.60 -15.13 -25.88
CA GLY B 268 -16.34 -13.70 -25.74
C GLY B 268 -14.89 -13.43 -25.40
N LEU B 269 -14.41 -14.03 -24.32
CA LEU B 269 -13.03 -13.86 -23.86
C LEU B 269 -11.97 -14.45 -24.78
N LEU B 270 -12.24 -15.61 -25.37
CA LEU B 270 -11.31 -16.25 -26.28
C LEU B 270 -11.08 -15.49 -27.60
N LEU B 271 -12.16 -14.95 -28.18
CA LEU B 271 -12.07 -14.28 -29.48
C LEU B 271 -11.52 -12.86 -29.33
N HIS B 272 -10.22 -12.78 -29.11
CA HIS B 272 -9.58 -11.57 -28.65
C HIS B 272 -9.15 -10.64 -29.79
N ASP B 273 -8.99 -11.18 -30.99
CA ASP B 273 -8.64 -10.36 -32.15
C ASP B 273 -9.30 -10.81 -33.46
N SER B 274 -8.97 -10.11 -34.55
CA SER B 274 -9.57 -10.29 -35.87
C SER B 274 -9.51 -11.69 -36.43
N ASP B 275 -8.37 -12.36 -36.25
CA ASP B 275 -8.18 -13.70 -36.79
C ASP B 275 -9.01 -14.71 -36.00
N ALA B 276 -9.13 -14.49 -34.68
CA ALA B 276 -9.94 -15.35 -33.84
C ALA B 276 -11.40 -15.22 -34.26
N ILE B 277 -11.86 -13.95 -34.37
CA ILE B 277 -13.23 -13.62 -34.74
C ILE B 277 -13.60 -14.17 -36.10
N ASP B 278 -12.67 -14.09 -37.06
CA ASP B 278 -12.90 -14.65 -38.40
C ASP B 278 -12.98 -16.18 -38.37
N GLY B 279 -12.09 -16.81 -37.61
CA GLY B 279 -12.15 -18.26 -37.43
C GLY B 279 -13.52 -18.70 -36.93
N PHE B 280 -14.01 -18.00 -35.91
CA PHE B 280 -15.34 -18.25 -35.35
C PHE B 280 -16.42 -18.17 -36.42
N VAL B 281 -16.40 -17.10 -37.20
CA VAL B 281 -17.41 -16.85 -38.23
C VAL B 281 -17.35 -17.89 -39.36
N ARG B 282 -16.15 -18.27 -39.78
CA ARG B 282 -15.96 -19.28 -40.82
C ARG B 282 -16.28 -20.67 -40.28
N SER B 283 -16.33 -20.80 -38.96
CA SER B 283 -16.74 -22.07 -38.34
C SER B 283 -18.23 -22.14 -38.04
N ASP B 284 -18.99 -21.14 -38.50
CA ASP B 284 -20.45 -21.08 -38.34
C ASP B 284 -20.93 -20.61 -36.97
N GLY B 285 -20.09 -19.84 -36.30
CA GLY B 285 -20.42 -19.28 -35.01
C GLY B 285 -21.69 -18.45 -35.00
N VAL B 286 -21.88 -17.62 -36.02
CA VAL B 286 -23.06 -16.75 -36.08
C VAL B 286 -24.35 -17.55 -36.29
N GLY B 287 -24.30 -18.52 -37.21
CA GLY B 287 -25.44 -19.43 -37.36
C GLY B 287 -25.81 -20.13 -36.05
N ALA B 288 -24.82 -20.67 -35.37
CA ALA B 288 -24.99 -21.35 -34.09
C ALA B 288 -25.60 -20.43 -33.03
N ILE B 289 -25.00 -19.26 -32.81
CA ILE B 289 -25.54 -18.32 -31.84
C ILE B 289 -27.00 -18.02 -32.16
N THR B 290 -27.27 -17.56 -33.38
CA THR B 290 -28.64 -17.15 -33.70
C THR B 290 -29.62 -18.32 -33.56
N THR B 291 -29.15 -19.55 -33.84
CA THR B 291 -29.93 -20.78 -33.56
C THR B 291 -30.28 -20.85 -32.07
N VAL B 292 -29.25 -20.78 -31.24
CA VAL B 292 -29.39 -20.97 -29.81
C VAL B 292 -30.28 -19.92 -29.15
N VAL B 293 -30.26 -18.69 -29.65
CA VAL B 293 -31.08 -17.64 -29.02
C VAL B 293 -32.56 -17.64 -29.42
N GLN B 294 -33.01 -18.68 -30.10
CA GLN B 294 -34.44 -18.90 -30.32
C GLN B 294 -35.12 -19.28 -29.00
N TYR B 295 -34.35 -19.84 -28.07
CA TYR B 295 -34.90 -20.24 -26.79
C TYR B 295 -35.33 -19.02 -25.94
N PRO B 296 -36.60 -19.01 -25.50
CA PRO B 296 -37.16 -17.91 -24.72
C PRO B 296 -36.61 -17.79 -23.31
N ASN B 297 -35.35 -17.38 -23.20
CA ASN B 297 -34.74 -17.01 -21.93
C ASN B 297 -33.93 -15.72 -22.14
N ASN B 298 -34.26 -14.67 -21.41
CA ASN B 298 -33.65 -13.36 -21.62
C ASN B 298 -32.16 -13.28 -21.25
N ASP B 299 -31.72 -14.06 -20.27
CA ASP B 299 -30.31 -14.04 -19.92
C ASP B 299 -29.50 -14.66 -21.04
N LEU B 300 -30.07 -15.68 -21.64
CA LEU B 300 -29.45 -16.39 -22.75
C LEU B 300 -29.41 -15.49 -24.01
N ILE B 301 -30.55 -14.92 -24.37
CA ILE B 301 -30.63 -14.00 -25.50
C ILE B 301 -29.64 -12.81 -25.36
N ARG B 302 -29.60 -12.17 -24.19
CA ARG B 302 -28.65 -11.09 -23.91
C ARG B 302 -27.22 -11.52 -24.15
N ALA B 303 -26.88 -12.73 -23.70
CA ALA B 303 -25.50 -13.17 -23.70
C ALA B 303 -25.07 -13.48 -25.12
N GLY B 304 -25.96 -14.11 -25.87
CA GLY B 304 -25.74 -14.44 -27.26
C GLY B 304 -25.66 -13.20 -28.15
N CYS B 305 -26.55 -12.25 -27.92
CA CYS B 305 -26.56 -11.01 -28.69
C CYS B 305 -25.31 -10.18 -28.43
N LYS B 306 -24.84 -10.18 -27.18
CA LYS B 306 -23.59 -9.52 -26.80
C LYS B 306 -22.43 -10.06 -27.61
N LEU B 307 -22.36 -11.38 -27.75
CA LEU B 307 -21.33 -12.02 -28.54
C LEU B 307 -21.49 -11.81 -30.08
N LEU B 308 -22.73 -11.69 -30.56
CA LEU B 308 -22.96 -11.34 -31.97
C LEU B 308 -22.39 -9.95 -32.24
N LEU B 309 -22.70 -8.99 -31.37
CA LEU B 309 -22.14 -7.65 -31.51
C LEU B 309 -20.62 -7.71 -31.57
N GLN B 310 -20.02 -8.58 -30.77
CA GLN B 310 -18.58 -8.61 -30.69
C GLN B 310 -17.93 -9.08 -31.99
N VAL B 311 -18.57 -10.01 -32.68
CA VAL B 311 -18.03 -10.59 -33.92
C VAL B 311 -18.52 -9.88 -35.19
N SER B 312 -19.37 -8.86 -35.01
CA SER B 312 -20.18 -8.25 -36.06
C SER B 312 -19.43 -7.57 -37.21
N ASP B 313 -18.17 -7.19 -37.04
CA ASP B 313 -17.47 -6.70 -38.22
C ASP B 313 -16.29 -7.55 -38.72
N ALA B 314 -16.46 -8.86 -38.60
CA ALA B 314 -15.62 -9.80 -39.28
C ALA B 314 -15.86 -9.71 -40.78
N LYS B 315 -14.79 -9.81 -41.55
CA LYS B 315 -14.91 -9.77 -43.00
C LYS B 315 -15.49 -11.06 -43.58
N ALA B 316 -15.45 -12.15 -42.80
CA ALA B 316 -16.01 -13.42 -43.25
C ALA B 316 -17.53 -13.38 -43.28
N LEU B 317 -18.10 -12.38 -42.61
CA LEU B 317 -19.56 -12.16 -42.69
C LEU B 317 -20.04 -11.76 -44.10
N ALA B 318 -19.10 -11.50 -45.02
CA ALA B 318 -19.44 -11.31 -46.43
C ALA B 318 -19.65 -12.66 -47.11
N LYS B 319 -19.11 -13.72 -46.52
CA LYS B 319 -19.28 -15.07 -47.02
C LYS B 319 -20.31 -15.89 -46.22
N THR B 320 -20.67 -15.45 -45.02
CA THR B 320 -21.71 -16.16 -44.27
C THR B 320 -23.09 -16.07 -44.95
N PRO B 321 -23.78 -17.20 -45.13
CA PRO B 321 -25.18 -17.16 -45.56
C PRO B 321 -26.08 -16.44 -44.56
N LEU B 322 -26.57 -15.25 -44.92
CA LEU B 322 -27.32 -14.42 -43.98
C LEU B 322 -28.80 -14.25 -44.31
N GLU B 323 -29.27 -14.96 -45.34
CA GLU B 323 -30.67 -14.87 -45.77
C GLU B 323 -31.69 -15.30 -44.70
N ASN B 324 -31.27 -16.11 -43.75
CA ASN B 324 -32.13 -16.53 -42.67
C ASN B 324 -31.80 -15.88 -41.34
N ILE B 325 -30.51 -15.68 -41.09
CA ILE B 325 -30.02 -15.14 -39.83
C ILE B 325 -30.54 -13.74 -39.70
N LEU B 326 -30.37 -12.96 -40.74
CA LEU B 326 -30.64 -11.54 -40.67
C LEU B 326 -32.12 -11.20 -40.44
N PRO B 327 -33.04 -11.79 -41.23
CA PRO B 327 -34.46 -11.63 -40.89
C PRO B 327 -34.86 -12.11 -39.49
N PHE B 328 -34.17 -13.12 -38.96
CA PHE B 328 -34.50 -13.57 -37.61
C PHE B 328 -34.09 -12.51 -36.61
N LEU B 329 -32.85 -12.05 -36.74
CA LEU B 329 -32.36 -11.00 -35.88
C LEU B 329 -33.19 -9.72 -36.03
N LEU B 330 -33.66 -9.39 -37.23
CA LEU B 330 -34.48 -8.19 -37.39
C LEU B 330 -35.78 -8.30 -36.58
N ARG B 331 -36.43 -9.45 -36.72
CA ARG B 331 -37.66 -9.80 -36.01
C ARG B 331 -37.47 -9.74 -34.50
N LEU B 332 -36.36 -10.30 -34.02
CA LEU B 332 -35.98 -10.28 -32.60
C LEU B 332 -35.86 -8.85 -32.07
N ILE B 333 -35.16 -8.00 -32.83
CA ILE B 333 -35.02 -6.57 -32.52
C ILE B 333 -36.39 -5.89 -32.47
N GLU B 334 -37.28 -6.30 -33.36
CA GLU B 334 -38.62 -5.70 -33.41
C GLU B 334 -39.45 -5.96 -32.16
N ILE B 335 -39.40 -7.18 -31.63
CA ILE B 335 -40.32 -7.56 -30.56
C ILE B 335 -39.73 -7.56 -29.15
N HIS B 336 -38.41 -7.69 -29.01
CA HIS B 336 -37.80 -7.82 -27.69
C HIS B 336 -37.88 -6.59 -26.77
N PRO B 337 -38.42 -6.78 -25.55
CA PRO B 337 -38.66 -5.66 -24.65
C PRO B 337 -37.41 -4.95 -24.12
N ASP B 338 -36.26 -5.60 -24.04
CA ASP B 338 -35.17 -4.93 -23.34
C ASP B 338 -34.07 -4.28 -24.20
N ASP B 339 -33.71 -3.06 -23.82
CA ASP B 339 -32.80 -2.23 -24.58
C ASP B 339 -31.39 -2.79 -24.80
N GLU B 340 -30.95 -3.71 -23.93
CA GLU B 340 -29.63 -4.33 -24.11
C GLU B 340 -29.58 -5.13 -25.40
N VAL B 341 -30.68 -5.83 -25.66
CA VAL B 341 -30.81 -6.65 -26.85
C VAL B 341 -30.92 -5.76 -28.09
N ILE B 342 -31.81 -4.78 -28.05
CA ILE B 342 -31.93 -3.76 -29.08
C ILE B 342 -30.55 -3.13 -29.37
N TYR B 343 -29.86 -2.77 -28.30
CA TYR B 343 -28.54 -2.19 -28.45
C TYR B 343 -27.66 -3.14 -29.26
N SER B 344 -27.47 -4.35 -28.76
CA SER B 344 -26.64 -5.36 -29.41
C SER B 344 -27.10 -5.71 -30.82
N GLY B 345 -28.41 -5.77 -31.01
CA GLY B 345 -28.96 -6.19 -32.28
C GLY B 345 -28.71 -5.15 -33.35
N THR B 346 -29.03 -3.89 -33.04
CA THR B 346 -28.85 -2.80 -33.98
C THR B 346 -27.38 -2.64 -34.22
N GLY B 347 -26.61 -2.84 -33.16
CA GLY B 347 -25.16 -2.78 -33.23
C GLY B 347 -24.65 -3.78 -34.24
N PHE B 348 -25.21 -4.99 -34.19
CA PHE B 348 -24.83 -6.04 -35.12
C PHE B 348 -25.23 -5.68 -36.55
N LEU B 349 -26.44 -5.16 -36.70
CA LEU B 349 -26.99 -4.80 -37.99
C LEU B 349 -26.13 -3.76 -38.73
N SER B 350 -25.69 -2.71 -38.04
CA SER B 350 -24.84 -1.69 -38.65
C SER B 350 -23.49 -2.19 -39.12
N ASN B 351 -22.83 -3.00 -38.31
CA ASN B 351 -21.53 -3.51 -38.69
C ASN B 351 -21.63 -4.53 -39.79
N VAL B 352 -22.66 -5.37 -39.73
CA VAL B 352 -22.80 -6.43 -40.72
C VAL B 352 -23.07 -5.89 -42.13
N VAL B 353 -24.00 -4.91 -42.24
CA VAL B 353 -24.39 -4.37 -43.54
C VAL B 353 -23.30 -3.50 -44.14
N ALA B 354 -22.40 -2.98 -43.30
CA ALA B 354 -21.36 -2.06 -43.77
C ALA B 354 -20.51 -2.70 -44.88
N HIS B 355 -20.41 -2.02 -46.03
CA HIS B 355 -19.52 -2.44 -47.13
C HIS B 355 -19.93 -3.73 -47.84
N LYS B 356 -21.15 -4.20 -47.61
CA LYS B 356 -21.57 -5.48 -48.16
C LYS B 356 -22.90 -5.36 -48.88
N GLN B 357 -22.83 -5.18 -50.19
CA GLN B 357 -24.02 -4.95 -51.00
C GLN B 357 -25.11 -6.01 -50.84
N HIS B 358 -24.73 -7.29 -50.90
CA HIS B 358 -25.72 -8.36 -50.86
C HIS B 358 -26.42 -8.48 -49.51
N VAL B 359 -25.70 -8.11 -48.44
CA VAL B 359 -26.25 -8.12 -47.08
C VAL B 359 -27.19 -6.93 -46.86
N LYS B 360 -26.79 -5.77 -47.38
CA LYS B 360 -27.68 -4.61 -47.43
C LYS B 360 -28.97 -5.04 -48.11
N ASP B 361 -28.85 -5.77 -49.21
CA ASP B 361 -30.01 -6.18 -49.97
C ASP B 361 -30.93 -7.09 -49.15
N ILE B 362 -30.35 -8.05 -48.42
CA ILE B 362 -31.16 -8.91 -47.53
C ILE B 362 -31.88 -8.06 -46.46
N ALA B 363 -31.11 -7.25 -45.74
CA ALA B 363 -31.66 -6.36 -44.74
C ALA B 363 -32.83 -5.51 -45.27
N ILE B 364 -32.62 -4.86 -46.42
CA ILE B 364 -33.66 -4.01 -47.03
C ILE B 364 -34.96 -4.80 -47.33
N ARG B 365 -34.81 -6.00 -47.90
CA ARG B 365 -35.94 -6.85 -48.25
C ARG B 365 -36.73 -7.37 -47.05
N SER B 366 -36.09 -7.46 -45.89
CA SER B 366 -36.82 -7.81 -44.67
C SER B 366 -37.33 -6.58 -43.96
N ASN B 367 -37.33 -5.44 -44.66
CA ASN B 367 -37.91 -4.20 -44.15
C ASN B 367 -37.12 -3.58 -43.01
N ALA B 368 -35.80 -3.73 -43.06
CA ALA B 368 -34.92 -3.11 -42.08
C ALA B 368 -35.18 -1.61 -41.91
N ILE B 369 -35.44 -0.91 -43.02
CA ILE B 369 -35.57 0.55 -42.98
C ILE B 369 -36.78 0.98 -42.15
N PHE B 370 -37.90 0.28 -42.34
CA PHE B 370 -39.08 0.51 -41.52
C PHE B 370 -38.80 0.23 -40.04
N LEU B 371 -37.96 -0.76 -39.76
CA LEU B 371 -37.63 -1.10 -38.39
C LEU B 371 -36.75 -0.04 -37.73
N LEU B 372 -35.81 0.51 -38.49
CA LEU B 372 -34.96 1.59 -37.98
C LEU B 372 -35.80 2.78 -37.56
N HIS B 373 -36.81 3.09 -38.35
CA HIS B 373 -37.73 4.17 -38.04
C HIS B 373 -38.48 3.91 -36.74
N THR B 374 -38.98 2.69 -36.57
CA THR B 374 -39.74 2.32 -35.38
C THR B 374 -38.90 2.41 -34.10
N ILE B 375 -37.65 2.00 -34.18
CA ILE B 375 -36.77 1.97 -33.01
C ILE B 375 -36.37 3.36 -32.57
N ILE B 376 -35.96 4.20 -33.51
CA ILE B 376 -35.71 5.62 -33.21
C ILE B 376 -36.97 6.25 -32.61
N SER B 377 -38.13 6.00 -33.23
CA SER B 377 -39.39 6.62 -32.83
C SER B 377 -39.95 6.26 -31.45
N LYS B 378 -39.53 5.12 -30.89
CA LYS B 378 -40.15 4.65 -29.65
C LYS B 378 -39.59 5.34 -28.41
N TYR B 379 -38.39 5.88 -28.51
CA TYR B 379 -37.73 6.47 -27.37
C TYR B 379 -38.10 7.92 -27.19
N PRO B 380 -38.17 8.39 -25.94
CA PRO B 380 -38.47 9.79 -25.69
C PRO B 380 -37.25 10.64 -26.00
N ARG B 381 -37.40 11.96 -25.89
CA ARG B 381 -36.30 12.87 -26.11
C ARG B 381 -35.26 12.63 -25.02
N LEU B 382 -34.00 12.82 -25.37
CA LEU B 382 -32.92 12.45 -24.46
C LEU B 382 -33.01 13.16 -23.11
N ASP B 383 -33.41 14.43 -23.13
CA ASP B 383 -33.54 15.20 -21.90
C ASP B 383 -34.61 14.63 -20.95
N GLU B 384 -35.62 13.96 -21.52
CA GLU B 384 -36.65 13.29 -20.72
C GLU B 384 -36.15 12.02 -20.00
N LEU B 385 -34.92 11.60 -20.29
CA LEU B 385 -34.36 10.39 -19.66
C LEU B 385 -33.37 10.78 -18.57
N THR B 386 -33.72 10.49 -17.31
CA THR B 386 -33.01 11.05 -16.16
C THR B 386 -31.85 10.20 -15.62
N ASP B 387 -31.91 8.88 -15.79
CA ASP B 387 -30.79 8.04 -15.33
C ASP B 387 -29.72 7.83 -16.41
N ALA B 388 -28.50 8.25 -16.08
CA ALA B 388 -27.38 8.28 -17.03
C ALA B 388 -27.11 7.00 -17.83
N PRO B 389 -27.11 5.82 -17.15
CA PRO B 389 -26.92 4.56 -17.89
C PRO B 389 -27.91 4.37 -19.05
N LYS B 390 -29.19 4.66 -18.78
CA LYS B 390 -30.28 4.41 -19.72
C LYS B 390 -30.35 5.44 -20.85
N ARG B 391 -29.90 6.66 -20.58
CA ARG B 391 -29.89 7.72 -21.57
C ARG B 391 -28.80 7.44 -22.60
N ASN B 392 -27.66 6.96 -22.13
CA ASN B 392 -26.55 6.65 -23.01
C ASN B 392 -26.84 5.46 -23.92
N ARG B 393 -27.66 4.53 -23.42
CA ARG B 393 -28.02 3.36 -24.21
C ARG B 393 -28.93 3.76 -25.36
N VAL B 394 -29.98 4.50 -25.04
CA VAL B 394 -30.90 5.04 -26.04
C VAL B 394 -30.11 5.82 -27.10
N CYS B 395 -29.23 6.68 -26.62
CA CYS B 395 -28.40 7.48 -27.47
C CYS B 395 -27.60 6.59 -28.42
N GLU B 396 -26.91 5.59 -27.89
CA GLU B 396 -26.17 4.61 -28.69
C GLU B 396 -27.06 3.78 -29.62
N ILE B 397 -28.30 3.53 -29.19
CA ILE B 397 -29.23 2.81 -30.04
C ILE B 397 -29.56 3.63 -31.28
N ILE B 398 -30.09 4.85 -31.08
CA ILE B 398 -30.39 5.75 -32.20
C ILE B 398 -29.17 5.88 -33.12
N CYS B 399 -28.00 6.01 -32.53
CA CYS B 399 -26.77 6.11 -33.33
C CYS B 399 -26.57 4.90 -34.25
N ASN B 400 -26.78 3.70 -33.72
CA ASN B 400 -26.64 2.44 -34.47
C ASN B 400 -27.64 2.37 -35.63
N CYS B 401 -28.88 2.75 -35.32
CA CYS B 401 -29.95 2.76 -36.30
C CYS B 401 -29.61 3.69 -37.46
N LEU B 402 -29.10 4.87 -37.12
CA LEU B 402 -28.79 5.90 -38.08
C LEU B 402 -27.61 5.53 -38.95
N ARG B 403 -26.63 4.86 -38.33
CA ARG B 403 -25.44 4.38 -39.03
C ARG B 403 -25.76 3.31 -40.06
N THR B 404 -26.82 2.54 -39.78
CA THR B 404 -27.34 1.53 -40.68
C THR B 404 -28.06 2.22 -41.83
N LEU B 405 -28.99 3.12 -41.49
CA LEU B 405 -29.63 3.96 -42.49
C LEU B 405 -28.62 4.55 -43.46
N ASN B 406 -27.60 5.20 -42.92
CA ASN B 406 -26.59 5.85 -43.74
C ASN B 406 -25.85 4.86 -44.66
N ASN B 407 -25.79 3.59 -44.26
CA ASN B 407 -25.21 2.55 -45.11
C ASN B 407 -26.11 2.20 -46.30
N PHE B 408 -27.42 2.32 -46.10
CA PHE B 408 -28.36 2.06 -47.19
C PHE B 408 -28.41 3.23 -48.17
N LEU B 409 -28.57 4.44 -47.64
CA LEU B 409 -28.73 5.64 -48.47
C LEU B 409 -27.54 5.80 -49.40
N MET B 410 -26.39 5.34 -48.94
CA MET B 410 -25.15 5.43 -49.67
C MET B 410 -25.28 4.83 -51.07
N MET B 411 -26.11 3.81 -51.23
CA MET B 411 -26.21 3.14 -52.53
C MET B 411 -27.00 3.89 -53.60
N TRP B 412 -27.89 4.79 -53.20
CA TRP B 412 -28.78 5.45 -54.14
C TRP B 412 -28.37 6.88 -54.47
N ILE B 413 -27.16 7.24 -54.06
CA ILE B 413 -26.62 8.57 -54.31
C ILE B 413 -25.66 8.48 -55.49
N PRO B 414 -25.88 9.33 -56.51
CA PRO B 414 -25.08 9.37 -57.75
C PRO B 414 -23.64 9.84 -57.49
N THR B 415 -22.68 9.15 -58.13
CA THR B 415 -21.25 9.44 -57.99
C THR B 415 -20.64 9.92 -59.33
N PRO B 416 -19.35 10.32 -59.33
CA PRO B 416 -18.66 10.44 -60.63
C PRO B 416 -18.61 9.07 -61.35
N ASN B 417 -18.11 8.05 -60.63
CA ASN B 417 -17.99 6.69 -61.15
C ASN B 417 -19.33 6.06 -61.61
N GLY B 418 -20.44 6.61 -61.12
CA GLY B 418 -21.78 6.23 -61.56
C GLY B 418 -22.23 4.89 -61.04
N THR B 420 -25.57 4.89 -61.29
CA THR B 420 -26.69 5.07 -60.37
C THR B 420 -27.44 3.76 -60.15
N LYS B 421 -27.59 3.40 -58.88
CA LYS B 421 -28.43 2.28 -58.48
C LYS B 421 -29.81 2.82 -58.14
N THR B 422 -30.86 2.12 -58.58
CA THR B 422 -32.23 2.62 -58.39
C THR B 422 -32.97 1.88 -57.31
N ALA B 423 -33.92 2.59 -56.70
CA ALA B 423 -34.65 2.10 -55.56
C ALA B 423 -36.07 1.71 -55.94
N GLY B 424 -36.44 0.48 -55.56
CA GLY B 424 -37.81 0.00 -55.69
C GLY B 424 -38.76 0.76 -54.78
N PRO B 425 -40.07 0.67 -55.05
CA PRO B 425 -41.07 1.44 -54.29
C PRO B 425 -41.17 1.08 -52.81
N ASN B 426 -40.88 -0.17 -52.46
CA ASN B 426 -40.82 -0.57 -51.05
C ASN B 426 -39.78 0.25 -50.31
N GLU B 427 -38.56 0.30 -50.87
CA GLU B 427 -37.46 1.09 -50.31
C GLU B 427 -37.81 2.57 -50.24
N LYS B 428 -38.27 3.12 -51.37
CA LYS B 428 -38.60 4.53 -51.48
C LYS B 428 -39.53 4.97 -50.35
N GLN B 429 -40.62 4.25 -50.12
CA GLN B 429 -41.58 4.70 -49.13
C GLN B 429 -41.08 4.57 -47.69
N GLN B 430 -40.17 3.63 -47.45
CA GLN B 430 -39.60 3.45 -46.11
C GLN B 430 -38.60 4.56 -45.79
N VAL B 431 -37.67 4.81 -46.71
CA VAL B 431 -36.74 5.92 -46.60
C VAL B 431 -37.44 7.26 -46.37
N CYS B 432 -38.53 7.51 -47.10
CA CYS B 432 -39.25 8.77 -47.01
C CYS B 432 -39.99 8.96 -45.69
N LYS B 433 -40.12 7.91 -44.88
CA LYS B 433 -40.67 8.07 -43.54
C LYS B 433 -39.74 8.95 -42.69
N PHE B 434 -38.47 9.01 -43.09
CA PHE B 434 -37.51 9.81 -42.37
C PHE B 434 -37.63 11.32 -42.60
N ILE B 435 -38.52 11.74 -43.48
CA ILE B 435 -38.86 13.16 -43.54
C ILE B 435 -40.26 13.48 -43.02
N GLU B 436 -40.93 12.50 -42.41
CA GLU B 436 -42.15 12.74 -41.65
C GLU B 436 -41.80 13.63 -40.47
N ILE B 437 -42.73 14.52 -40.09
CA ILE B 437 -42.41 15.59 -39.15
C ILE B 437 -42.04 15.14 -37.74
N ASP B 438 -42.59 14.02 -37.30
CA ASP B 438 -42.35 13.55 -35.94
C ASP B 438 -40.89 13.08 -35.71
N ILE B 439 -40.34 12.31 -36.64
CA ILE B 439 -38.95 11.86 -36.50
C ILE B 439 -37.94 12.98 -36.77
N LEU B 440 -38.27 13.90 -37.67
CA LEU B 440 -37.43 15.07 -37.87
C LEU B 440 -37.34 15.87 -36.57
N LYS B 441 -38.46 16.02 -35.88
CA LYS B 441 -38.49 16.69 -34.58
C LYS B 441 -37.60 15.98 -33.57
N LYS B 442 -37.74 14.65 -33.48
CA LYS B 442 -36.91 13.81 -32.60
C LYS B 442 -35.43 13.93 -32.89
N LEU B 443 -35.07 13.85 -34.17
CA LEU B 443 -33.66 13.98 -34.57
C LEU B 443 -33.12 15.39 -34.35
N MET B 444 -33.97 16.39 -34.57
CA MET B 444 -33.64 17.78 -34.29
C MET B 444 -33.39 17.98 -32.82
N SER B 445 -34.25 17.35 -32.02
CA SER B 445 -34.15 17.40 -30.57
C SER B 445 -32.78 16.89 -30.09
N CYS B 446 -32.34 15.74 -30.62
CA CYS B 446 -31.05 15.14 -30.24
C CYS B 446 -29.86 16.06 -30.55
N LEU B 447 -30.05 16.89 -31.58
CA LEU B 447 -29.04 17.85 -32.01
C LEU B 447 -28.80 18.99 -31.00
N SER B 448 -29.84 19.32 -30.22
CA SER B 448 -29.84 20.53 -29.43
C SER B 448 -30.26 20.41 -27.97
N CYS B 449 -30.66 19.22 -27.52
CA CYS B 449 -31.10 19.05 -26.13
C CYS B 449 -30.00 19.47 -25.14
N GLU B 450 -30.38 20.31 -24.19
CA GLU B 450 -29.43 20.92 -23.26
C GLU B 450 -29.17 19.99 -22.09
N GLY B 451 -29.46 18.72 -22.32
CA GLY B 451 -28.98 17.66 -21.46
C GLY B 451 -27.83 17.02 -22.24
N MET B 452 -26.61 17.25 -21.78
CA MET B 452 -25.46 16.52 -22.32
C MET B 452 -25.29 15.32 -21.41
N ASP B 453 -24.26 15.34 -20.56
CA ASP B 453 -24.00 14.31 -19.55
C ASP B 453 -24.09 12.87 -20.11
N THR B 454 -23.67 12.69 -21.36
CA THR B 454 -23.82 11.42 -22.07
C THR B 454 -22.64 11.21 -23.04
N PRO B 455 -21.78 10.22 -22.77
CA PRO B 455 -20.60 9.99 -23.62
C PRO B 455 -20.90 9.72 -25.11
N GLY B 456 -22.02 9.05 -25.40
CA GLY B 456 -22.37 8.70 -26.78
C GLY B 456 -22.91 9.84 -27.64
N LEU B 457 -23.20 10.97 -27.01
CA LEU B 457 -23.83 12.11 -27.65
C LEU B 457 -23.03 12.69 -28.82
N LEU B 458 -21.71 12.78 -28.68
CA LEU B 458 -20.90 13.34 -29.74
C LEU B 458 -21.03 12.56 -31.04
N GLU B 459 -20.95 11.23 -30.96
CA GLU B 459 -21.10 10.39 -32.14
C GLU B 459 -22.52 10.42 -32.67
N LEU B 460 -23.50 10.54 -31.79
CA LEU B 460 -24.89 10.63 -32.24
C LEU B 460 -25.11 11.89 -33.09
N ARG B 461 -24.58 13.02 -32.63
CA ARG B 461 -24.76 14.29 -33.31
C ARG B 461 -24.04 14.30 -34.66
N SER B 462 -22.81 13.83 -34.69
CA SER B 462 -22.08 13.69 -35.94
C SER B 462 -22.82 12.79 -36.95
N THR B 463 -23.38 11.68 -36.46
CA THR B 463 -24.10 10.70 -37.29
C THR B 463 -25.41 11.27 -37.83
N ILE B 464 -26.10 12.06 -37.02
CA ILE B 464 -27.35 12.67 -37.45
C ILE B 464 -27.10 13.64 -38.61
N LEU B 465 -26.01 14.41 -38.53
CA LEU B 465 -25.67 15.27 -39.64
C LEU B 465 -25.40 14.45 -40.90
N ARG B 466 -24.64 13.36 -40.79
CA ARG B 466 -24.43 12.50 -41.97
C ARG B 466 -25.79 12.11 -42.57
N SER B 467 -26.72 11.73 -41.71
CA SER B 467 -28.01 11.25 -42.16
C SER B 467 -28.72 12.28 -43.03
N PHE B 468 -28.89 13.48 -42.48
CA PHE B 468 -29.49 14.61 -43.16
C PHE B 468 -28.78 14.93 -44.45
N ILE B 469 -27.45 14.91 -44.41
CA ILE B 469 -26.68 15.10 -45.62
C ILE B 469 -27.15 14.09 -46.64
N LEU B 470 -27.12 12.82 -46.26
CA LEU B 470 -27.47 11.74 -47.17
C LEU B 470 -28.95 11.73 -47.62
N LEU B 471 -29.89 12.03 -46.74
CA LEU B 471 -31.29 12.09 -47.12
C LEU B 471 -31.51 13.20 -48.15
N LEU B 472 -30.89 14.35 -47.90
CA LEU B 472 -31.11 15.51 -48.75
C LEU B 472 -30.43 15.35 -50.09
N ARG B 473 -29.37 14.55 -50.14
CA ARG B 473 -28.68 14.21 -51.39
C ARG B 473 -29.34 13.04 -52.15
N THR B 474 -30.40 12.47 -51.58
CA THR B 474 -31.09 11.32 -52.17
C THR B 474 -32.24 11.77 -53.10
N PRO B 475 -32.15 11.44 -54.41
CA PRO B 475 -33.03 12.05 -55.42
C PRO B 475 -34.52 11.92 -55.11
N PHE B 476 -34.97 10.72 -54.76
CA PHE B 476 -36.41 10.49 -54.59
C PHE B 476 -36.99 11.03 -53.29
N VAL B 477 -36.16 11.55 -52.40
CA VAL B 477 -36.69 12.10 -51.16
C VAL B 477 -37.22 13.51 -51.40
N PRO B 478 -38.49 13.75 -51.01
CA PRO B 478 -39.14 15.06 -51.03
C PRO B 478 -38.45 16.06 -50.11
N LYS B 479 -37.95 17.16 -50.68
CA LYS B 479 -37.14 18.12 -49.92
C LYS B 479 -37.89 19.38 -49.51
N ASP B 480 -39.13 19.49 -49.95
CA ASP B 480 -39.93 20.71 -49.79
C ASP B 480 -40.14 21.08 -48.32
N GLY B 481 -40.68 20.15 -47.54
CA GLY B 481 -41.16 20.45 -46.19
C GLY B 481 -40.18 20.46 -45.03
N VAL B 482 -38.90 20.12 -45.28
CA VAL B 482 -37.92 19.88 -44.22
C VAL B 482 -37.60 21.12 -43.38
N LEU B 483 -37.34 22.24 -44.05
CA LEU B 483 -37.03 23.51 -43.37
C LEU B 483 -38.25 24.23 -42.79
N ASN B 484 -39.44 23.65 -42.96
CA ASN B 484 -40.67 24.18 -42.35
C ASN B 484 -41.05 23.51 -41.04
N VAL B 485 -40.26 22.51 -40.63
CA VAL B 485 -40.53 21.81 -39.39
C VAL B 485 -39.91 22.57 -38.23
N ILE B 486 -40.74 22.88 -37.23
CA ILE B 486 -40.34 23.65 -36.07
C ILE B 486 -40.57 22.82 -34.82
N ASP B 487 -39.56 22.68 -33.96
CA ASP B 487 -39.76 21.91 -32.72
C ASP B 487 -40.56 22.72 -31.69
N GLU B 488 -41.30 22.01 -30.86
CA GLU B 488 -42.13 22.63 -29.82
C GLU B 488 -41.31 23.22 -28.67
N ASN B 489 -40.04 22.84 -28.58
CA ASN B 489 -39.20 23.14 -27.42
C ASN B 489 -38.30 24.37 -27.56
N ARG B 490 -37.71 24.55 -28.74
CA ARG B 490 -36.84 25.70 -29.00
C ARG B 490 -37.45 26.68 -29.99
N LYS B 491 -38.57 26.27 -30.62
CA LYS B 491 -39.22 27.06 -31.68
C LYS B 491 -38.23 27.35 -32.82
N GLU B 492 -37.49 26.33 -33.23
CA GLU B 492 -36.46 26.47 -34.25
C GLU B 492 -36.61 25.44 -35.37
N ASN B 493 -36.11 25.79 -36.55
CA ASN B 493 -36.06 24.87 -37.67
C ASN B 493 -34.71 24.15 -37.70
N LEU B 494 -34.54 23.25 -38.67
CA LEU B 494 -33.31 22.48 -38.81
C LEU B 494 -32.02 23.30 -38.68
N ILE B 495 -31.99 24.51 -39.24
CA ILE B 495 -30.77 25.33 -39.20
C ILE B 495 -30.35 25.66 -37.76
N GLY B 496 -31.32 26.05 -36.94
CA GLY B 496 -31.07 26.38 -35.55
C GLY B 496 -30.51 25.21 -34.76
N HIS B 497 -31.07 24.01 -34.95
CA HIS B 497 -30.56 22.81 -34.27
C HIS B 497 -29.15 22.42 -34.73
N ILE B 498 -28.86 22.62 -36.02
CA ILE B 498 -27.51 22.37 -36.56
C ILE B 498 -26.53 23.33 -35.94
N CYS B 499 -26.95 24.59 -35.81
CA CYS B 499 -26.16 25.64 -35.19
C CYS B 499 -25.95 25.41 -33.69
N ALA B 500 -26.99 24.96 -32.98
CA ALA B 500 -26.86 24.63 -31.57
C ALA B 500 -25.80 23.54 -31.32
N ALA B 501 -25.79 22.51 -32.15
CA ALA B 501 -24.81 21.41 -32.04
C ALA B 501 -23.40 21.85 -32.32
N TYR B 502 -23.24 22.68 -33.36
CA TYR B 502 -21.94 23.24 -33.75
C TYR B 502 -21.35 24.05 -32.58
N SER B 503 -22.08 25.06 -32.12
CA SER B 503 -21.79 25.75 -30.85
C SER B 503 -21.33 24.79 -29.74
N TRP B 504 -22.20 23.82 -29.43
CA TRP B 504 -21.98 22.85 -28.39
C TRP B 504 -20.61 22.16 -28.49
N VAL B 505 -20.27 21.67 -29.68
CA VAL B 505 -19.02 20.96 -29.90
C VAL B 505 -17.77 21.78 -29.47
N PHE B 506 -17.89 23.11 -29.50
CA PHE B 506 -16.78 23.97 -29.15
C PHE B 506 -16.68 24.23 -27.65
N ARG B 507 -17.76 23.95 -26.92
CA ARG B 507 -17.76 24.12 -25.48
C ARG B 507 -17.43 22.80 -24.76
N GLN B 508 -17.00 21.81 -25.54
CA GLN B 508 -16.65 20.49 -25.01
C GLN B 508 -15.19 20.47 -24.60
N PRO B 509 -14.84 19.62 -23.60
CA PRO B 509 -13.46 19.41 -23.18
C PRO B 509 -12.55 19.00 -24.33
N ASN B 510 -11.26 19.31 -24.21
CA ASN B 510 -10.27 18.88 -25.19
C ASN B 510 -9.60 17.58 -24.76
N ASN B 511 -9.22 16.78 -25.76
CA ASN B 511 -8.41 15.57 -25.57
C ASN B 511 -8.30 14.75 -26.85
N THR B 512 -7.17 14.08 -26.99
CA THR B 512 -6.86 13.32 -28.21
C THR B 512 -7.94 12.29 -28.56
N ARG B 513 -8.58 11.72 -27.54
CA ARG B 513 -9.60 10.68 -27.76
C ARG B 513 -10.78 11.11 -28.63
N THR B 514 -11.28 12.33 -28.42
CA THR B 514 -12.50 12.77 -29.10
C THR B 514 -12.26 13.78 -30.24
N GLN B 515 -11.02 14.24 -30.42
CA GLN B 515 -10.69 15.25 -31.45
C GLN B 515 -11.15 14.89 -32.86
N SER B 516 -11.02 13.61 -33.20
CA SER B 516 -11.36 13.10 -34.52
C SER B 516 -12.86 13.27 -34.85
N THR B 517 -13.73 12.89 -33.92
CA THR B 517 -15.16 12.99 -34.15
C THR B 517 -15.67 14.42 -34.10
N LYS B 518 -15.03 15.25 -33.26
CA LYS B 518 -15.34 16.67 -33.18
C LYS B 518 -15.05 17.35 -34.51
N GLN B 519 -13.91 17.01 -35.09
CA GLN B 519 -13.53 17.54 -36.39
C GLN B 519 -14.54 17.12 -37.45
N GLN B 520 -15.04 15.89 -37.40
CA GLN B 520 -15.96 15.46 -38.44
C GLN B 520 -17.38 16.01 -38.26
N LEU B 521 -17.73 16.38 -37.03
CA LEU B 521 -18.99 17.06 -36.77
C LEU B 521 -18.95 18.47 -37.36
N VAL B 522 -17.82 19.16 -37.17
CA VAL B 522 -17.58 20.46 -37.77
C VAL B 522 -17.62 20.33 -39.30
N GLU B 523 -16.92 19.34 -39.86
CA GLU B 523 -16.88 19.19 -41.31
C GLU B 523 -18.27 18.93 -41.88
N ARG B 524 -19.07 18.15 -41.16
CA ARG B 524 -20.42 17.80 -41.62
C ARG B 524 -21.40 18.92 -41.42
N THR B 525 -21.11 19.82 -40.48
CA THR B 525 -21.96 20.98 -40.24
C THR B 525 -21.93 21.85 -41.49
N ILE B 526 -20.73 22.27 -41.87
CA ILE B 526 -20.53 23.10 -43.03
C ILE B 526 -21.09 22.37 -44.26
N SER B 527 -20.81 21.07 -44.32
CA SER B 527 -21.21 20.30 -45.48
C SER B 527 -22.72 20.22 -45.55
N LEU B 528 -23.36 20.08 -44.40
CA LEU B 528 -24.83 20.07 -44.36
C LEU B 528 -25.40 21.43 -44.72
N LEU B 529 -24.74 22.52 -44.31
CA LEU B 529 -25.22 23.85 -44.62
C LEU B 529 -25.29 24.08 -46.13
N LEU B 530 -24.29 23.59 -46.84
CA LEU B 530 -24.27 23.68 -48.30
C LEU B 530 -25.39 22.89 -48.92
N VAL B 531 -25.59 21.66 -48.45
CA VAL B 531 -26.60 20.79 -49.02
C VAL B 531 -27.98 21.39 -48.84
N LEU B 532 -28.25 21.91 -47.65
CA LEU B 532 -29.51 22.59 -47.36
C LEU B 532 -29.73 23.77 -48.31
N MET B 533 -28.65 24.47 -48.64
CA MET B 533 -28.71 25.62 -49.53
C MET B 533 -29.04 25.15 -50.94
N GLU B 534 -28.25 24.20 -51.41
CA GLU B 534 -28.34 23.67 -52.76
C GLU B 534 -29.66 22.94 -52.95
N GLN B 535 -29.89 21.89 -52.16
CA GLN B 535 -31.00 20.96 -52.34
C GLN B 535 -32.38 21.41 -51.84
N CYS B 536 -32.46 22.47 -51.04
CA CYS B 536 -33.76 22.92 -50.55
C CYS B 536 -34.14 24.30 -51.07
N GLY B 537 -33.32 24.83 -51.98
CA GLY B 537 -33.51 26.16 -52.53
C GLY B 537 -33.68 27.16 -51.41
N ALA B 538 -32.65 27.26 -50.58
CA ALA B 538 -32.74 28.06 -49.37
C ALA B 538 -31.45 28.78 -49.04
N GLU B 539 -30.71 29.18 -50.06
CA GLU B 539 -29.48 29.93 -49.85
C GLU B 539 -29.68 31.09 -48.87
N LYS B 540 -30.66 31.96 -49.17
CA LYS B 540 -31.07 33.06 -48.29
C LYS B 540 -31.34 32.57 -46.88
N GLU B 541 -32.33 31.68 -46.77
CA GLU B 541 -32.83 31.23 -45.49
C GLU B 541 -31.74 30.65 -44.63
N VAL B 542 -30.83 29.88 -45.22
CA VAL B 542 -29.76 29.25 -44.48
C VAL B 542 -28.82 30.31 -43.93
N ALA B 543 -28.52 31.29 -44.77
CA ALA B 543 -27.61 32.36 -44.43
C ALA B 543 -28.18 33.21 -43.29
N GLN B 544 -29.45 33.55 -43.37
CA GLN B 544 -30.02 34.40 -42.34
C GLN B 544 -30.27 33.66 -41.02
N TYR B 545 -30.77 32.42 -41.10
CA TYR B 545 -30.92 31.60 -39.88
C TYR B 545 -29.59 31.10 -39.29
N SER B 546 -28.47 31.55 -39.87
CA SER B 546 -27.13 31.17 -39.39
C SER B 546 -26.34 32.29 -38.69
N TYR B 547 -27.04 33.28 -38.15
CA TYR B 547 -26.38 34.37 -37.43
C TYR B 547 -25.60 33.81 -36.23
N SER B 548 -26.11 32.74 -35.63
CA SER B 548 -25.55 32.11 -34.42
C SER B 548 -24.18 31.48 -34.59
N ILE B 549 -23.75 31.28 -35.84
CA ILE B 549 -22.44 30.74 -36.15
C ILE B 549 -21.49 31.90 -36.39
N ASP B 550 -20.34 31.85 -35.75
CA ASP B 550 -19.29 32.83 -36.04
C ASP B 550 -18.55 32.38 -37.28
N CYS B 551 -17.87 33.34 -37.90
CA CYS B 551 -17.16 33.15 -39.17
C CYS B 551 -16.53 31.77 -39.35
N PRO B 552 -17.10 30.96 -40.26
CA PRO B 552 -16.57 29.64 -40.61
C PRO B 552 -15.13 29.69 -41.14
N LEU B 553 -14.77 30.78 -41.80
CA LEU B 553 -13.41 30.98 -42.28
C LEU B 553 -12.36 30.72 -41.22
N ASN B 554 -12.68 31.05 -39.97
CA ASN B 554 -11.75 30.89 -38.87
C ASN B 554 -11.42 29.42 -38.60
N LEU B 555 -12.24 28.51 -39.14
CA LEU B 555 -11.98 27.07 -39.06
C LEU B 555 -10.67 26.66 -39.75
N LEU B 556 -10.29 27.44 -40.77
CA LEU B 556 -9.08 27.17 -41.55
C LEU B 556 -7.80 27.76 -40.96
N ASN B 557 -7.88 28.30 -39.75
CA ASN B 557 -6.71 28.89 -39.09
C ASN B 557 -5.66 27.83 -38.72
N GLY B 558 -6.13 26.65 -38.30
CA GLY B 558 -5.26 25.55 -37.88
C GLY B 558 -4.46 24.89 -39.01
N ASN B 559 -4.04 23.65 -38.76
CA ASN B 559 -3.20 22.88 -39.69
C ASN B 559 -3.99 22.12 -40.77
N GLN B 560 -5.21 22.60 -41.05
CA GLN B 560 -6.16 21.91 -41.95
C GLN B 560 -5.65 21.80 -43.39
N VAL B 561 -5.68 20.58 -43.93
CA VAL B 561 -5.23 20.32 -45.31
C VAL B 561 -6.33 19.76 -46.23
N LYS B 562 -7.35 19.14 -45.64
CA LYS B 562 -8.40 18.43 -46.39
C LYS B 562 -9.03 19.30 -47.49
N PRO B 563 -8.80 18.93 -48.77
CA PRO B 563 -9.06 19.86 -49.88
C PRO B 563 -10.53 20.22 -50.07
N THR B 564 -11.43 19.29 -49.77
CA THR B 564 -12.85 19.52 -49.99
C THR B 564 -13.51 20.28 -48.83
N PHE B 565 -12.85 20.24 -47.67
CA PHE B 565 -13.28 20.97 -46.48
C PHE B 565 -12.97 22.46 -46.62
N ILE B 566 -11.73 22.76 -47.02
CA ILE B 566 -11.33 24.13 -47.35
C ILE B 566 -12.33 24.74 -48.34
N HIS B 567 -12.64 23.99 -49.39
CA HIS B 567 -13.54 24.46 -50.43
C HIS B 567 -14.95 24.68 -49.90
N ASN B 568 -15.40 23.79 -49.02
CA ASN B 568 -16.69 23.93 -48.37
C ASN B 568 -16.75 25.24 -47.58
N VAL B 569 -15.75 25.45 -46.71
CA VAL B 569 -15.68 26.64 -45.87
C VAL B 569 -15.78 27.93 -46.71
N LEU B 570 -15.00 28.01 -47.77
CA LEU B 570 -14.96 29.20 -48.61
C LEU B 570 -16.29 29.49 -49.30
N VAL B 571 -16.90 28.45 -49.88
CA VAL B 571 -18.15 28.60 -50.61
C VAL B 571 -19.29 29.01 -49.69
N VAL B 572 -19.41 28.35 -48.53
CA VAL B 572 -20.49 28.66 -47.60
C VAL B 572 -20.34 30.10 -47.10
N CYS B 573 -19.10 30.49 -46.79
CA CYS B 573 -18.81 31.86 -46.43
C CYS B 573 -19.22 32.80 -47.55
N ASP B 574 -18.83 32.48 -48.78
CA ASP B 574 -19.22 33.30 -49.92
C ASP B 574 -20.74 33.42 -50.06
N LYS B 575 -21.45 32.32 -49.88
CA LYS B 575 -22.90 32.34 -50.00
C LYS B 575 -23.59 33.07 -48.85
N ILE B 576 -23.03 32.99 -47.65
CA ILE B 576 -23.58 33.77 -46.53
C ILE B 576 -23.40 35.28 -46.76
N LEU B 577 -22.25 35.69 -47.28
CA LEU B 577 -22.01 37.11 -47.52
C LEU B 577 -22.80 37.73 -48.70
N GLU B 578 -23.28 36.92 -49.63
CA GLU B 578 -24.16 37.40 -50.70
C GLU B 578 -25.54 37.77 -50.16
N HIS B 579 -25.99 37.11 -49.09
CA HIS B 579 -27.29 37.40 -48.52
C HIS B 579 -27.24 38.16 -47.20
N CYS B 580 -26.08 38.17 -46.55
CA CYS B 580 -25.88 38.94 -45.32
C CYS B 580 -24.53 39.65 -45.37
N PRO B 581 -24.39 40.65 -46.26
CA PRO B 581 -23.09 41.30 -46.50
C PRO B 581 -22.43 41.90 -45.25
N THR B 582 -23.23 42.48 -44.37
CA THR B 582 -22.69 43.21 -43.23
C THR B 582 -21.86 42.33 -42.30
N ARG B 583 -21.97 41.01 -42.45
CA ARG B 583 -21.15 40.07 -41.67
C ARG B 583 -19.67 40.09 -42.05
N ALA B 584 -19.35 40.50 -43.27
CA ALA B 584 -17.95 40.65 -43.69
C ALA B 584 -17.24 41.62 -42.76
N ASP B 585 -17.92 42.71 -42.40
CA ASP B 585 -17.38 43.73 -41.54
C ASP B 585 -17.39 43.28 -40.09
N ILE B 586 -18.39 42.49 -39.71
CA ILE B 586 -18.51 42.07 -38.32
C ILE B 586 -17.55 40.92 -38.02
N TRP B 587 -17.39 40.02 -38.97
CA TRP B 587 -16.45 38.93 -38.84
C TRP B 587 -15.04 39.45 -38.64
N THR B 588 -14.18 38.61 -38.10
CA THR B 588 -12.77 38.91 -38.01
C THR B 588 -12.07 37.74 -38.66
N ILE B 589 -11.29 38.00 -39.70
CA ILE B 589 -10.60 36.93 -40.43
C ILE B 589 -9.09 37.10 -40.49
N ASP B 590 -8.40 36.00 -40.77
CA ASP B 590 -6.96 36.00 -41.02
C ASP B 590 -6.79 36.30 -42.51
N ARG B 591 -6.68 37.59 -42.84
CA ARG B 591 -6.62 38.02 -44.25
C ARG B 591 -5.37 37.55 -45.01
N PRO B 592 -4.18 37.55 -44.37
CA PRO B 592 -3.00 36.90 -44.96
C PRO B 592 -3.28 35.48 -45.47
N MET B 593 -3.88 34.66 -44.62
CA MET B 593 -4.20 33.27 -44.97
C MET B 593 -5.19 33.19 -46.15
N LEU B 594 -6.21 34.03 -46.12
CA LEU B 594 -7.19 34.07 -47.19
C LEU B 594 -6.57 34.51 -48.51
N GLU B 595 -5.63 35.46 -48.46
CA GLU B 595 -4.86 35.87 -49.64
C GLU B 595 -3.90 34.74 -50.05
N GLY B 596 -3.35 34.05 -49.05
CA GLY B 596 -2.55 32.85 -49.28
C GLY B 596 -3.28 31.80 -50.09
N LEU B 597 -4.59 31.67 -49.86
CA LEU B 597 -5.39 30.66 -50.55
C LEU B 597 -5.75 31.04 -51.98
N THR B 598 -5.48 32.29 -52.35
CA THR B 598 -5.69 32.78 -53.71
C THR B 598 -4.78 32.04 -54.68
N ASN B 599 -3.55 31.78 -54.23
CA ASN B 599 -2.52 31.12 -55.03
C ASN B 599 -2.39 29.65 -54.68
N HIS B 600 -3.52 29.00 -54.40
CA HIS B 600 -3.51 27.60 -53.99
C HIS B 600 -3.40 26.66 -55.19
N ARG B 601 -2.74 25.52 -54.95
CA ARG B 601 -2.57 24.45 -55.92
C ARG B 601 -3.87 24.13 -56.68
N ASN B 602 -4.88 23.67 -55.95
CA ASN B 602 -6.23 23.44 -56.48
C ASN B 602 -6.84 24.71 -57.06
N SER B 603 -7.55 24.60 -58.17
CA SER B 603 -8.08 25.75 -58.89
C SER B 603 -9.47 26.19 -58.42
N ASP B 604 -10.19 25.29 -57.75
CA ASP B 604 -11.50 25.60 -57.19
C ASP B 604 -11.35 26.42 -55.91
N ILE B 605 -10.39 26.00 -55.08
CA ILE B 605 -10.08 26.69 -53.84
C ILE B 605 -9.63 28.09 -54.18
N ALA B 606 -8.62 28.20 -55.04
CA ALA B 606 -8.13 29.49 -55.54
C ALA B 606 -9.26 30.38 -56.06
N LYS B 607 -10.17 29.79 -56.84
CA LYS B 607 -11.27 30.54 -57.46
C LYS B 607 -12.20 31.14 -56.40
N ALA B 608 -12.61 30.32 -55.43
CA ALA B 608 -13.55 30.76 -54.39
C ALA B 608 -12.86 31.64 -53.35
N ALA B 609 -11.56 31.44 -53.16
CA ALA B 609 -10.79 32.23 -52.22
C ALA B 609 -10.74 33.71 -52.60
N ASN B 610 -10.65 34.03 -53.89
CA ASN B 610 -10.75 35.43 -54.28
C ASN B 610 -12.16 35.89 -54.61
N SER B 611 -13.13 34.97 -54.66
CA SER B 611 -14.54 35.37 -54.68
C SER B 611 -14.88 35.94 -53.33
N LEU B 612 -14.38 35.29 -52.28
CA LEU B 612 -14.63 35.68 -50.90
C LEU B 612 -13.80 36.89 -50.50
N LEU B 613 -12.58 36.99 -51.04
CA LEU B 613 -11.70 38.11 -50.69
C LEU B 613 -12.31 39.47 -51.08
N SER B 614 -12.97 39.52 -52.24
CA SER B 614 -13.61 40.76 -52.69
C SER B 614 -14.76 41.24 -51.78
N ARG B 615 -15.18 40.39 -50.84
CA ARG B 615 -16.30 40.71 -49.97
C ARG B 615 -15.86 41.55 -48.81
N PHE B 616 -14.56 41.54 -48.54
CA PHE B 616 -14.03 42.14 -47.34
C PHE B 616 -13.52 43.58 -47.52
N PRO B 617 -13.65 44.41 -46.46
CA PRO B 617 -13.23 45.81 -46.55
C PRO B 617 -11.76 45.91 -46.91
N GLU B 618 -11.37 47.01 -47.56
CA GLU B 618 -9.95 47.25 -47.86
C GLU B 618 -9.08 47.16 -46.61
N ASN B 619 -9.60 47.73 -45.52
CA ASN B 619 -9.14 47.47 -44.15
C ASN B 619 -7.61 47.33 -44.00
#